data_2M9J
#
_entry.id   2M9J
#
loop_
_entity.id
_entity.type
_entity.pdbx_description
1 polymer 'Peptidyl-prolyl cis-trans isomerase NIMA-interacting 1'
2 non-polymer 2-acetamido-2-deoxy-beta-D-glucopyranose
#
_entity_poly.entity_id   1
_entity_poly.type   'polypeptide(L)'
_entity_poly.pdbx_seq_one_letter_code
;KLPPGWEKRMFRSNGTVYYFNHITNASQFERPSG
;
_entity_poly.pdbx_strand_id   A
#
loop_
_chem_comp.id
_chem_comp.type
_chem_comp.name
_chem_comp.formula
NAG D-saccharide, beta linking 2-acetamido-2-deoxy-beta-D-glucopyranose 'C8 H15 N O6'
#
# COMPACT_ATOMS: atom_id res chain seq x y z
N LYS A 1 0.95 -5.77 -10.93
CA LYS A 1 0.03 -4.76 -11.51
C LYS A 1 0.73 -3.39 -11.46
N LEU A 2 0.63 -2.64 -10.36
CA LEU A 2 1.45 -1.44 -10.15
C LEU A 2 2.92 -1.84 -9.81
N PRO A 3 3.88 -0.90 -9.89
CA PRO A 3 5.32 -1.12 -9.81
C PRO A 3 5.95 -1.66 -8.50
N PRO A 4 7.17 -2.23 -8.63
CA PRO A 4 8.03 -2.56 -7.50
C PRO A 4 8.19 -1.29 -6.66
N GLY A 5 8.18 -1.43 -5.34
CA GLY A 5 8.10 -0.29 -4.43
C GLY A 5 6.75 -0.26 -3.72
N TRP A 6 5.62 -0.64 -4.37
CA TRP A 6 4.40 -0.79 -3.58
C TRP A 6 4.43 -2.00 -2.63
N GLU A 7 3.90 -1.80 -1.43
CA GLU A 7 3.89 -2.77 -0.33
C GLU A 7 2.62 -2.63 0.54
N LYS A 8 2.09 -3.73 1.09
CA LYS A 8 0.85 -3.68 1.91
C LYS A 8 1.07 -2.87 3.19
N ARG A 9 0.03 -2.14 3.60
CA ARG A 9 0.08 -1.18 4.70
C ARG A 9 -1.26 -1.18 5.46
N MET A 10 -1.25 -0.85 6.76
CA MET A 10 -2.42 -0.97 7.63
C MET A 10 -2.60 0.27 8.52
N PHE A 11 -3.82 0.81 8.52
CA PHE A 11 -4.27 1.93 9.32
C PHE A 11 -4.56 1.54 10.78
N ARG A 12 -3.56 1.73 11.64
CA ARG A 12 -3.73 1.62 13.10
C ARG A 12 -4.81 2.62 13.54
N SER A 13 -5.52 2.28 14.62
CA SER A 13 -6.74 2.93 15.16
C SER A 13 -8.05 2.56 14.47
N ASN A 14 -8.05 1.95 13.27
CA ASN A 14 -9.30 1.39 12.70
C ASN A 14 -9.15 -0.01 12.06
N GLY A 15 -7.93 -0.43 11.68
CA GLY A 15 -7.64 -1.78 11.17
C GLY A 15 -7.77 -1.92 9.66
N THR A 16 -8.07 -0.83 8.95
CA THR A 16 -8.14 -0.78 7.48
C THR A 16 -6.77 -1.10 6.87
N VAL A 17 -6.76 -1.52 5.61
CA VAL A 17 -5.57 -1.97 4.87
C VAL A 17 -5.54 -1.27 3.52
N TYR A 18 -4.33 -1.01 3.03
CA TYR A 18 -4.03 -0.34 1.79
C TYR A 18 -2.63 -0.75 1.32
N TYR A 19 -2.07 -0.06 0.34
CA TYR A 19 -0.71 -0.24 -0.15
C TYR A 19 0.00 1.11 -0.19
N PHE A 20 1.32 1.06 0.00
CA PHE A 20 2.20 2.20 0.12
C PHE A 20 3.44 1.95 -0.73
N ASN A 21 3.77 2.91 -1.61
CA ASN A 21 4.98 2.84 -2.41
C ASN A 21 6.15 3.42 -1.64
N HIS A 22 6.96 2.60 -0.98
CA HIS A 22 8.11 3.12 -0.22
C HIS A 22 9.31 3.54 -1.08
N ILE A 23 9.20 3.44 -2.41
CA ILE A 23 10.18 3.97 -3.37
C ILE A 23 9.77 5.39 -3.86
N THR A 24 8.47 5.69 -3.99
CA THR A 24 7.98 7.02 -4.43
C THR A 24 7.31 7.86 -3.33
N ASN A 25 6.85 7.22 -2.26
CA ASN A 25 6.06 7.69 -1.10
C ASN A 25 4.53 7.70 -1.35
N ALA A 26 4.04 7.18 -2.50
CA ALA A 26 2.61 7.13 -2.78
C ALA A 26 1.82 6.18 -1.85
N SER A 27 0.48 6.32 -1.83
CA SER A 27 -0.46 5.39 -1.19
C SER A 27 -1.68 5.17 -2.09
N GLN A 28 -2.21 3.95 -2.07
CA GLN A 28 -3.38 3.51 -2.85
C GLN A 28 -4.02 2.34 -2.11
N PHE A 29 -5.35 2.19 -2.16
CA PHE A 29 -6.05 1.13 -1.43
C PHE A 29 -6.15 -0.16 -2.27
N GLU A 30 -6.25 -0.06 -3.60
CA GLU A 30 -6.12 -1.25 -4.46
C GLU A 30 -4.66 -1.72 -4.49
N ARG A 31 -4.50 -3.04 -4.52
CA ARG A 31 -3.23 -3.75 -4.34
C ARG A 31 -2.46 -4.00 -5.66
N PRO A 32 -1.25 -3.45 -5.87
CA PRO A 32 -0.38 -3.80 -7.01
C PRO A 32 -0.05 -5.29 -7.19
N SER A 33 -0.12 -6.06 -6.10
CA SER A 33 -0.05 -7.51 -6.09
C SER A 33 -1.39 -8.11 -5.63
N GLY A 34 -1.63 -8.18 -4.31
CA GLY A 34 -2.82 -8.78 -3.71
C GLY A 34 -3.10 -8.34 -2.27
C1 NAG B . -9.08 4.19 8.53
C2 NAG B . -10.12 4.58 7.45
C3 NAG B . -9.41 5.20 6.24
C4 NAG B . -8.57 6.40 6.68
C5 NAG B . -7.54 5.95 7.71
C6 NAG B . -6.65 7.08 8.22
C7 NAG B . -12.07 3.48 6.40
C8 NAG B . -12.79 2.15 6.15
N2 NAG B . -10.91 3.41 7.05
O3 NAG B . -10.36 5.72 5.26
O4 NAG B . -7.91 6.88 5.51
O5 NAG B . -8.25 5.36 8.86
O6 NAG B . -5.92 6.58 9.35
O7 NAG B . -12.51 4.55 5.99
H1 NAG B . -8.44 3.40 8.16
H2 NAG B . -10.81 5.32 7.87
H3 NAG B . -8.78 4.45 5.75
H4 NAG B . -9.21 7.18 7.08
H5 NAG B . -6.93 5.18 7.26
H61 NAG B . -5.95 7.42 7.45
H62 NAG B . -7.25 7.93 8.54
H81 NAG B . -12.96 1.64 7.10
H82 NAG B . -12.17 1.51 5.51
H83 NAG B . -13.75 2.33 5.67
HN2 NAG B . -10.54 2.50 7.27
HO3 NAG B . -11.25 5.33 5.45
HO4 NAG B . -8.60 6.88 4.83
HO6 NAG B . -6.55 6.06 9.88
N LYS A 1 5.95 -6.28 -1.47
CA LYS A 1 6.35 -7.44 -2.31
C LYS A 1 5.59 -7.40 -3.66
N LEU A 2 5.63 -6.25 -4.31
CA LEU A 2 4.87 -5.83 -5.49
C LEU A 2 5.76 -4.87 -6.31
N PRO A 3 5.36 -4.34 -7.49
CA PRO A 3 6.28 -3.61 -8.38
C PRO A 3 7.05 -2.45 -7.70
N PRO A 4 8.18 -2.00 -8.28
CA PRO A 4 9.15 -1.08 -7.68
C PRO A 4 8.59 -0.05 -6.69
N GLY A 5 8.78 -0.41 -5.42
CA GLY A 5 8.41 0.34 -4.22
C GLY A 5 7.26 -0.25 -3.40
N TRP A 6 6.33 -1.04 -3.96
CA TRP A 6 5.12 -1.40 -3.22
C TRP A 6 5.29 -2.41 -2.08
N GLU A 7 4.74 -2.03 -0.92
CA GLU A 7 4.58 -2.88 0.25
C GLU A 7 3.29 -2.56 1.03
N LYS A 8 2.66 -3.60 1.61
CA LYS A 8 1.36 -3.57 2.30
C LYS A 8 1.41 -2.68 3.54
N ARG A 9 0.28 -2.02 3.83
CA ARG A 9 0.15 -1.04 4.92
C ARG A 9 -1.21 -1.16 5.59
N MET A 10 -1.29 -0.81 6.88
CA MET A 10 -2.48 -0.97 7.72
C MET A 10 -2.75 0.28 8.54
N PHE A 11 -4.01 0.68 8.61
CA PHE A 11 -4.47 1.84 9.35
C PHE A 11 -4.79 1.54 10.82
N ARG A 12 -3.88 1.98 11.71
CA ARG A 12 -4.11 1.98 13.15
C ARG A 12 -5.42 2.72 13.50
N SER A 13 -5.97 2.41 14.67
CA SER A 13 -7.30 2.84 15.13
C SER A 13 -8.51 2.29 14.37
N ASN A 14 -8.38 1.62 13.20
CA ASN A 14 -9.54 0.95 12.59
C ASN A 14 -9.27 -0.41 11.92
N GLY A 15 -8.03 -0.73 11.54
CA GLY A 15 -7.67 -2.04 10.97
C GLY A 15 -7.85 -2.14 9.46
N THR A 16 -8.17 -1.03 8.77
CA THR A 16 -8.20 -0.92 7.31
C THR A 16 -6.81 -1.23 6.74
N VAL A 17 -6.72 -1.61 5.47
CA VAL A 17 -5.50 -2.06 4.79
C VAL A 17 -5.42 -1.39 3.43
N TYR A 18 -4.19 -1.12 3.02
CA TYR A 18 -3.82 -0.46 1.78
C TYR A 18 -2.39 -0.85 1.40
N TYR A 19 -1.81 -0.17 0.40
CA TYR A 19 -0.43 -0.34 -0.01
C TYR A 19 0.28 1.00 -0.10
N PHE A 20 1.61 0.93 0.04
CA PHE A 20 2.51 2.07 0.06
C PHE A 20 3.70 1.79 -0.85
N ASN A 21 3.96 2.69 -1.78
CA ASN A 21 5.12 2.60 -2.66
C ASN A 21 6.31 3.34 -2.02
N HIS A 22 7.20 2.62 -1.34
CA HIS A 22 8.34 3.20 -0.63
C HIS A 22 9.46 3.76 -1.52
N ILE A 23 9.35 3.67 -2.85
CA ILE A 23 10.30 4.29 -3.78
C ILE A 23 9.82 5.67 -4.26
N THR A 24 8.50 5.86 -4.35
CA THR A 24 7.86 7.13 -4.77
C THR A 24 7.23 7.90 -3.60
N ASN A 25 6.90 7.20 -2.51
CA ASN A 25 6.10 7.61 -1.33
C ASN A 25 4.58 7.55 -1.58
N ALA A 26 4.12 6.99 -2.70
CA ALA A 26 2.68 6.91 -2.98
C ALA A 26 1.96 5.95 -2.00
N SER A 27 0.65 6.09 -1.87
CA SER A 27 -0.22 5.14 -1.16
C SER A 27 -1.52 4.96 -1.95
N GLN A 28 -2.04 3.74 -1.95
CA GLN A 28 -3.27 3.38 -2.66
C GLN A 28 -3.96 2.22 -1.95
N PHE A 29 -5.30 2.27 -1.87
CA PHE A 29 -6.12 1.25 -1.24
C PHE A 29 -6.44 0.14 -2.25
N GLU A 30 -6.78 0.50 -3.51
CA GLU A 30 -6.87 -0.51 -4.56
C GLU A 30 -5.46 -0.83 -5.04
N ARG A 31 -4.94 -1.79 -4.29
CA ARG A 31 -3.58 -2.31 -4.25
C ARG A 31 -3.22 -3.22 -5.43
N PRO A 32 -1.98 -3.16 -5.95
CA PRO A 32 -1.51 -4.17 -6.91
C PRO A 32 -1.71 -5.60 -6.32
N SER A 33 -1.64 -6.65 -7.14
CA SER A 33 -2.01 -8.04 -6.82
C SER A 33 -1.36 -8.72 -5.58
N GLY A 34 -1.74 -8.32 -4.36
CA GLY A 34 -1.38 -8.99 -3.10
C GLY A 34 -1.60 -8.15 -1.84
C1 NAG B . -9.10 4.06 8.76
C2 NAG B . -9.94 4.60 7.58
C3 NAG B . -9.01 5.35 6.61
C4 NAG B . -8.34 6.50 7.35
C5 NAG B . -7.52 6.00 8.54
C6 NAG B . -6.92 7.11 9.40
C7 NAG B . -11.67 3.66 6.07
C8 NAG B . -12.37 2.39 5.58
N2 NAG B . -10.65 3.48 6.91
O3 NAG B . -9.74 5.95 5.51
O4 NAG B . -7.47 7.14 6.41
O5 NAG B . -8.39 5.17 9.42
O6 NAG B . -6.51 6.49 10.63
O7 NAG B . -12.00 4.78 5.69
H1 NAG B . -8.37 3.34 8.38
H2 NAG B . -10.69 5.29 7.95
H3 NAG B . -8.25 4.67 6.20
H4 NAG B . -9.10 7.21 7.69
H5 NAG B . -6.73 5.37 8.18
H61 NAG B . -6.07 7.57 8.91
H62 NAG B . -7.67 7.88 9.61
H81 NAG B . -13.32 2.66 5.11
H82 NAG B . -12.57 1.73 6.43
H83 NAG B . -11.74 1.88 4.85
HN2 NAG B . -10.36 2.54 7.14
HO3 NAG B . -10.65 5.56 5.48
HO4 NAG B . -7.97 7.16 5.59
HO6 NAG B . -7.08 5.71 10.69
N LYS A 1 -0.77 -5.47 -12.41
CA LYS A 1 -1.51 -4.47 -11.61
C LYS A 1 -0.64 -3.25 -11.30
N LEU A 2 0.22 -3.28 -10.27
CA LEU A 2 1.13 -2.17 -9.92
C LEU A 2 2.54 -2.66 -9.50
N PRO A 3 3.55 -1.76 -9.52
CA PRO A 3 4.98 -2.05 -9.39
C PRO A 3 5.55 -2.58 -8.05
N PRO A 4 6.75 -3.19 -8.13
CA PRO A 4 7.55 -3.54 -6.96
C PRO A 4 7.80 -2.21 -6.23
N GLY A 5 7.74 -2.25 -4.90
CA GLY A 5 7.72 -1.05 -4.07
C GLY A 5 6.35 -0.87 -3.40
N TRP A 6 5.22 -1.28 -4.02
CA TRP A 6 3.98 -1.31 -3.22
C TRP A 6 3.97 -2.44 -2.18
N GLU A 7 3.48 -2.11 -0.98
CA GLU A 7 3.52 -2.97 0.20
C GLU A 7 2.32 -2.71 1.14
N LYS A 8 1.77 -3.78 1.77
CA LYS A 8 0.57 -3.71 2.63
C LYS A 8 0.76 -2.79 3.83
N ARG A 9 -0.22 -1.92 4.07
CA ARG A 9 -0.16 -0.84 5.07
C ARG A 9 -1.50 -0.78 5.82
N MET A 10 -1.46 -0.34 7.09
CA MET A 10 -2.61 -0.43 7.99
C MET A 10 -2.82 0.86 8.78
N PHE A 11 -4.08 1.30 8.88
CA PHE A 11 -4.51 2.49 9.61
C PHE A 11 -4.52 2.27 11.13
N ARG A 12 -3.56 2.93 11.79
CA ARG A 12 -3.45 2.98 13.24
C ARG A 12 -4.78 3.42 13.87
N SER A 13 -5.10 2.85 15.02
CA SER A 13 -6.31 3.14 15.80
C SER A 13 -7.66 2.78 15.16
N ASN A 14 -7.72 2.22 13.93
CA ASN A 14 -8.99 1.68 13.41
C ASN A 14 -8.87 0.32 12.70
N GLY A 15 -7.71 -0.03 12.13
CA GLY A 15 -7.44 -1.36 11.56
C GLY A 15 -7.77 -1.50 10.06
N THR A 16 -8.20 -0.41 9.41
CA THR A 16 -8.35 -0.32 7.95
C THR A 16 -7.01 -0.67 7.28
N VAL A 17 -7.05 -1.11 6.02
CA VAL A 17 -5.89 -1.62 5.28
C VAL A 17 -5.86 -0.97 3.91
N TYR A 18 -4.64 -0.79 3.41
CA TYR A 18 -4.31 -0.21 2.12
C TYR A 18 -2.92 -0.71 1.69
N TYR A 19 -2.36 -0.14 0.61
CA TYR A 19 -1.01 -0.41 0.14
C TYR A 19 -0.28 0.91 -0.01
N PHE A 20 1.04 0.86 0.19
CA PHE A 20 1.93 2.00 0.23
C PHE A 20 3.16 1.69 -0.61
N ASN A 21 3.50 2.58 -1.54
CA ASN A 21 4.68 2.42 -2.38
C ASN A 21 5.88 3.06 -1.68
N HIS A 22 6.65 2.29 -0.91
CA HIS A 22 7.81 2.86 -0.18
C HIS A 22 8.99 3.24 -1.08
N ILE A 23 8.88 3.04 -2.40
CA ILE A 23 9.88 3.42 -3.39
C ILE A 23 9.61 4.83 -3.96
N THR A 24 8.34 5.27 -3.93
CA THR A 24 7.87 6.59 -4.42
C THR A 24 7.22 7.47 -3.34
N ASN A 25 6.72 6.85 -2.27
CA ASN A 25 5.89 7.35 -1.15
C ASN A 25 4.37 7.36 -1.44
N ALA A 26 3.90 6.80 -2.56
CA ALA A 26 2.46 6.77 -2.87
C ALA A 26 1.64 5.88 -1.91
N SER A 27 0.31 6.03 -1.89
CA SER A 27 -0.65 5.17 -1.18
C SER A 27 -1.92 4.97 -2.00
N GLN A 28 -2.46 3.76 -1.97
CA GLN A 28 -3.67 3.36 -2.68
C GLN A 28 -4.33 2.21 -1.90
N PHE A 29 -5.66 2.15 -1.84
CA PHE A 29 -6.35 1.07 -1.12
C PHE A 29 -6.49 -0.20 -1.99
N GLU A 30 -6.56 -0.07 -3.32
CA GLU A 30 -6.47 -1.22 -4.24
C GLU A 30 -5.05 -1.79 -4.21
N ARG A 31 -4.98 -3.12 -4.18
CA ARG A 31 -3.81 -3.96 -3.94
C ARG A 31 -2.99 -4.40 -5.18
N PRO A 32 -1.75 -3.92 -5.39
CA PRO A 32 -0.86 -4.48 -6.43
C PRO A 32 -0.54 -5.97 -6.18
N SER A 33 0.11 -6.61 -7.15
CA SER A 33 0.66 -7.98 -7.10
C SER A 33 1.17 -8.21 -8.53
N GLY A 34 2.28 -7.54 -8.86
CA GLY A 34 2.73 -7.46 -10.25
C GLY A 34 1.73 -6.57 -10.99
C1 NAG B . -9.04 4.58 9.35
C2 NAG B . -10.15 5.17 8.44
C3 NAG B . -9.47 6.14 7.46
C4 NAG B . -8.95 7.34 8.24
C5 NAG B . -8.12 6.98 9.49
C6 NAG B . -8.68 7.55 10.81
C7 NAG B . -12.04 4.25 7.16
C8 NAG B . -12.72 2.96 6.64
N2 NAG B . -10.86 4.09 7.76
O3 NAG B . -10.40 6.66 6.47
O4 NAG B . -8.15 8.08 7.32
O5 NAG B . -7.93 5.52 9.60
O6 NAG B . -9.94 6.94 11.15
O7 NAG B . -12.53 5.36 7.00
H1 NAG B . -8.61 3.71 8.84
H2 NAG B . -10.87 5.72 9.04
H3 NAG B . -8.66 5.60 6.94
H4 NAG B . -9.79 7.96 8.54
H5 NAG B . -7.13 7.42 9.37
H61 NAG B . -7.97 7.36 11.61
H62 NAG B . -8.81 8.63 10.72
H81 NAG B . -12.84 2.25 7.46
H82 NAG B . -12.11 2.52 5.85
H83 NAG B . -13.71 3.21 6.24
HN2 NAG B . -10.49 3.14 7.83
HO3 NAG B . -11.28 6.24 6.60
HO4 NAG B . -8.65 8.10 6.50
HO6 NAG B . -10.35 7.48 11.84
N LYS A 1 -2.74 -3.84 -9.08
CA LYS A 1 -2.22 -3.62 -10.45
C LYS A 1 -1.36 -2.34 -10.58
N LEU A 2 -0.28 -2.22 -9.79
CA LEU A 2 0.72 -1.13 -9.83
C LEU A 2 2.14 -1.77 -9.62
N PRO A 3 3.25 -1.03 -9.90
CA PRO A 3 4.64 -1.47 -9.92
C PRO A 3 5.35 -1.99 -8.64
N PRO A 4 6.53 -2.62 -8.81
CA PRO A 4 7.44 -2.96 -7.73
C PRO A 4 7.75 -1.65 -6.98
N GLY A 5 7.83 -1.70 -5.65
CA GLY A 5 7.89 -0.51 -4.80
C GLY A 5 6.60 -0.36 -4.01
N TRP A 6 5.44 -0.76 -4.57
CA TRP A 6 4.21 -0.85 -3.79
C TRP A 6 4.18 -2.09 -2.89
N GLU A 7 3.66 -1.92 -1.67
CA GLU A 7 3.64 -2.92 -0.60
C GLU A 7 2.40 -2.78 0.29
N LYS A 8 1.84 -3.90 0.78
CA LYS A 8 0.62 -3.87 1.63
C LYS A 8 0.87 -3.13 2.94
N ARG A 9 -0.15 -2.40 3.40
CA ARG A 9 -0.05 -1.46 4.52
C ARG A 9 -1.36 -1.42 5.30
N MET A 10 -1.32 -1.03 6.57
CA MET A 10 -2.49 -1.04 7.46
C MET A 10 -2.58 0.26 8.25
N PHE A 11 -3.82 0.71 8.51
CA PHE A 11 -4.13 1.96 9.20
C PHE A 11 -4.28 1.83 10.72
N ARG A 12 -3.33 2.49 11.41
CA ARG A 12 -3.31 2.74 12.86
C ARG A 12 -4.70 3.17 13.38
N SER A 13 -5.13 2.56 14.48
CA SER A 13 -6.36 2.86 15.22
C SER A 13 -7.70 2.59 14.50
N ASN A 14 -7.71 2.04 13.27
CA ASN A 14 -8.97 1.56 12.66
C ASN A 14 -8.85 0.19 11.97
N GLY A 15 -7.62 -0.29 11.65
CA GLY A 15 -7.40 -1.63 11.12
C GLY A 15 -7.75 -1.78 9.64
N THR A 16 -8.05 -0.67 8.94
CA THR A 16 -8.19 -0.67 7.47
C THR A 16 -6.85 -1.06 6.83
N VAL A 17 -6.88 -1.52 5.58
CA VAL A 17 -5.73 -2.03 4.83
C VAL A 17 -5.72 -1.36 3.47
N TYR A 18 -4.51 -1.17 2.96
CA TYR A 18 -4.21 -0.44 1.73
C TYR A 18 -2.81 -0.86 1.22
N TYR A 19 -2.26 -0.12 0.26
CA TYR A 19 -0.91 -0.30 -0.25
C TYR A 19 -0.17 1.03 -0.26
N PHE A 20 1.14 0.93 -0.12
CA PHE A 20 2.05 2.05 0.05
C PHE A 20 3.29 1.82 -0.81
N ASN A 21 3.63 2.81 -1.62
CA ASN A 21 4.83 2.77 -2.43
C ASN A 21 6.01 3.30 -1.64
N HIS A 22 6.79 2.44 -0.98
CA HIS A 22 7.93 2.90 -0.18
C HIS A 22 9.14 3.38 -0.99
N ILE A 23 9.04 3.36 -2.33
CA ILE A 23 10.04 3.91 -3.24
C ILE A 23 9.77 5.40 -3.54
N THR A 24 8.51 5.83 -3.46
CA THR A 24 8.05 7.22 -3.74
C THR A 24 7.37 7.92 -2.55
N ASN A 25 6.82 7.14 -1.62
CA ASN A 25 5.93 7.47 -0.47
C ASN A 25 4.43 7.54 -0.82
N ALA A 26 4.02 7.16 -2.05
CA ALA A 26 2.59 7.16 -2.42
C ALA A 26 1.74 6.13 -1.64
N SER A 27 0.41 6.27 -1.68
CA SER A 27 -0.58 5.32 -1.13
C SER A 27 -1.76 5.14 -2.10
N GLN A 28 -2.31 3.93 -2.12
CA GLN A 28 -3.55 3.55 -2.82
C GLN A 28 -4.25 2.47 -2.02
N PHE A 29 -5.58 2.33 -2.14
CA PHE A 29 -6.31 1.23 -1.51
C PHE A 29 -6.40 0.00 -2.42
N GLU A 30 -6.20 0.17 -3.74
CA GLU A 30 -6.04 -0.97 -4.66
C GLU A 30 -4.71 -1.68 -4.35
N ARG A 31 -4.69 -2.99 -4.57
CA ARG A 31 -3.52 -3.87 -4.33
C ARG A 31 -2.61 -4.01 -5.57
N PRO A 32 -1.46 -3.31 -5.68
CA PRO A 32 -0.44 -3.56 -6.71
C PRO A 32 -0.15 -5.00 -7.04
N SER A 33 0.31 -5.77 -6.04
CA SER A 33 0.48 -7.21 -6.08
C SER A 33 0.22 -7.78 -4.68
N GLY A 34 -0.75 -8.68 -4.56
CA GLY A 34 -1.25 -9.25 -3.30
C GLY A 34 -2.70 -8.86 -3.06
C1 NAG B . -8.81 4.33 8.45
C2 NAG B . -9.85 4.76 7.39
C3 NAG B . -9.12 5.37 6.18
C4 NAG B . -8.25 6.55 6.63
C5 NAG B . -7.24 6.09 7.68
C6 NAG B . -6.33 7.19 8.24
C7 NAG B . -11.82 3.70 6.33
C8 NAG B . -12.59 2.40 6.10
N2 NAG B . -10.67 3.60 6.98
O3 NAG B . -10.05 5.91 5.20
O4 NAG B . -7.56 7.03 5.48
O5 NAG B . -7.98 5.48 8.82
O6 NAG B . -5.91 6.70 9.53
O7 NAG B . -12.22 4.79 5.91
H1 NAG B . -8.16 3.55 8.06
H2 NAG B . -10.52 5.50 7.81
H3 NAG B . -8.49 4.62 5.70
H4 NAG B . -8.89 7.35 7.04
H5 NAG B . -6.63 5.32 7.23
H61 NAG B . -5.48 7.36 7.59
H62 NAG B . -6.89 8.11 8.37
H81 NAG B . -12.78 1.91 7.04
H82 NAG B . -12.01 1.74 5.45
H83 NAG B . -13.55 2.62 5.61
HN2 NAG B . -10.34 2.67 7.25
HO3 NAG B . -10.95 5.53 5.38
HO4 NAG B . -8.24 7.07 4.79
HO6 NAG B . -6.65 6.11 9.76
N LYS A 1 -2.14 -5.26 -9.04
CA LYS A 1 -2.10 -4.34 -10.20
C LYS A 1 -0.86 -3.45 -10.24
N LEU A 2 -0.63 -2.59 -9.24
CA LEU A 2 0.54 -1.69 -9.20
C LEU A 2 1.92 -2.45 -9.07
N PRO A 3 3.06 -1.77 -9.32
CA PRO A 3 4.44 -2.29 -9.35
C PRO A 3 5.22 -2.63 -8.05
N PRO A 4 6.42 -3.26 -8.22
CA PRO A 4 7.41 -3.43 -7.16
C PRO A 4 7.74 -2.03 -6.58
N GLY A 5 7.89 -1.93 -5.27
CA GLY A 5 7.98 -0.66 -4.56
C GLY A 5 6.73 -0.46 -3.70
N TRP A 6 5.56 -0.98 -4.11
CA TRP A 6 4.41 -1.02 -3.21
C TRP A 6 4.51 -2.16 -2.18
N GLU A 7 4.02 -1.92 -0.96
CA GLU A 7 3.86 -2.94 0.10
C GLU A 7 2.57 -2.71 0.91
N LYS A 8 2.11 -3.72 1.66
CA LYS A 8 0.85 -3.66 2.44
C LYS A 8 1.01 -2.80 3.69
N ARG A 9 0.06 -1.89 3.88
CA ARG A 9 0.07 -0.86 4.92
C ARG A 9 -1.25 -0.90 5.71
N MET A 10 -1.24 -0.40 6.95
CA MET A 10 -2.38 -0.51 7.87
C MET A 10 -2.65 0.81 8.59
N PHE A 11 -3.92 1.12 8.82
CA PHE A 11 -4.36 2.35 9.47
C PHE A 11 -4.49 2.23 11.00
N ARG A 12 -3.55 2.89 11.70
CA ARG A 12 -3.60 3.09 13.15
C ARG A 12 -4.99 3.55 13.60
N SER A 13 -5.41 3.16 14.79
CA SER A 13 -6.69 3.55 15.41
C SER A 13 -7.98 3.05 14.73
N ASN A 14 -7.94 2.40 13.55
CA ASN A 14 -9.12 1.72 13.00
C ASN A 14 -8.86 0.32 12.41
N GLY A 15 -7.60 -0.03 12.12
CA GLY A 15 -7.18 -1.35 11.67
C GLY A 15 -7.53 -1.67 10.20
N THR A 16 -7.97 -0.66 9.43
CA THR A 16 -8.14 -0.79 7.98
C THR A 16 -6.76 -1.06 7.34
N VAL A 17 -6.77 -1.56 6.11
CA VAL A 17 -5.58 -1.95 5.34
C VAL A 17 -5.64 -1.28 3.98
N TYR A 18 -4.45 -0.99 3.46
CA TYR A 18 -4.18 -0.39 2.16
C TYR A 18 -2.77 -0.80 1.73
N TYR A 19 -2.20 -0.11 0.76
CA TYR A 19 -0.85 -0.33 0.27
C TYR A 19 -0.14 1.02 0.13
N PHE A 20 1.18 0.98 0.27
CA PHE A 20 2.06 2.14 0.27
C PHE A 20 3.27 1.87 -0.61
N ASN A 21 3.61 2.81 -1.49
CA ASN A 21 4.81 2.74 -2.29
C ASN A 21 6.00 3.32 -1.52
N HIS A 22 6.82 2.47 -0.88
CA HIS A 22 7.98 2.93 -0.13
C HIS A 22 9.13 3.46 -1.01
N ILE A 23 9.04 3.26 -2.33
CA ILE A 23 9.98 3.82 -3.31
C ILE A 23 9.58 5.26 -3.72
N THR A 24 8.28 5.60 -3.81
CA THR A 24 7.80 6.94 -4.24
C THR A 24 7.12 7.77 -3.16
N ASN A 25 6.64 7.12 -2.09
CA ASN A 25 5.81 7.60 -0.97
C ASN A 25 4.29 7.59 -1.24
N ALA A 26 3.81 7.05 -2.38
CA ALA A 26 2.39 6.99 -2.69
C ALA A 26 1.58 6.02 -1.78
N SER A 27 0.24 6.13 -1.79
CA SER A 27 -0.69 5.21 -1.11
C SER A 27 -1.91 4.91 -1.98
N GLN A 28 -2.38 3.66 -1.97
CA GLN A 28 -3.56 3.16 -2.70
C GLN A 28 -4.16 2.00 -1.90
N PHE A 29 -5.47 1.78 -1.98
CA PHE A 29 -6.13 0.70 -1.24
C PHE A 29 -6.18 -0.60 -2.06
N GLU A 30 -6.29 -0.53 -3.40
CA GLU A 30 -6.11 -1.71 -4.25
C GLU A 30 -4.65 -2.21 -4.16
N ARG A 31 -4.47 -3.53 -4.24
CA ARG A 31 -3.22 -4.23 -3.97
C ARG A 31 -2.33 -4.40 -5.22
N PRO A 32 -1.05 -4.00 -5.14
CA PRO A 32 -0.04 -4.29 -6.15
C PRO A 32 0.22 -5.78 -6.40
N SER A 33 0.88 -6.06 -7.53
CA SER A 33 1.11 -7.36 -8.17
C SER A 33 -0.14 -7.70 -8.99
N GLY A 34 -1.11 -8.43 -8.42
CA GLY A 34 -2.37 -8.85 -9.07
C GLY A 34 -3.63 -8.24 -8.48
C1 NAG B . -9.42 4.13 8.54
C2 NAG B . -10.55 4.27 7.49
C3 NAG B . -9.95 4.80 6.17
C4 NAG B . -9.23 6.12 6.43
C5 NAG B . -8.13 5.95 7.48
C6 NAG B . -7.37 7.24 7.81
C7 NAG B . -12.42 2.87 6.68
C8 NAG B . -13.02 1.46 6.63
N2 NAG B . -11.23 2.99 7.29
O3 NAG B . -10.98 5.09 5.19
O4 NAG B . -8.64 6.54 5.18
O5 NAG B . -8.76 5.43 8.72
O6 NAG B . -7.06 7.16 9.20
O7 NAG B . -12.97 3.84 6.17
H1 NAG B . -8.68 3.39 8.21
H2 NAG B . -11.29 4.99 7.86
H3 NAG B . -9.25 4.08 5.76
H4 NAG B . -9.94 6.89 6.76
H5 NAG B . -7.42 5.21 7.12
H61 NAG B . -6.47 7.34 7.21
H62 NAG B . -8.00 8.11 7.63
H81 NAG B . -13.08 1.05 7.63
H82 NAG B . -12.38 0.82 6.02
H83 NAG B . -14.02 1.49 6.20
HN2 NAG B . -10.77 2.15 7.62
HO3 NAG B . -11.82 4.64 5.47
HO4 NAG B . -9.35 6.40 4.53
HO6 NAG B . -7.81 6.61 9.52
N LYS A 1 6.12 -9.94 -7.95
CA LYS A 1 4.89 -9.68 -7.17
C LYS A 1 4.24 -8.36 -7.55
N LEU A 2 4.91 -7.21 -7.33
CA LEU A 2 4.32 -5.86 -7.45
C LEU A 2 5.35 -4.87 -8.03
N PRO A 3 4.92 -3.67 -8.50
CA PRO A 3 5.84 -2.67 -9.06
C PRO A 3 6.83 -2.10 -8.02
N PRO A 4 7.96 -1.51 -8.48
CA PRO A 4 9.07 -1.13 -7.63
C PRO A 4 8.64 -0.12 -6.56
N GLY A 5 8.78 -0.54 -5.30
CA GLY A 5 8.50 0.25 -4.11
C GLY A 5 7.26 -0.18 -3.34
N TRP A 6 6.31 -0.90 -3.95
CA TRP A 6 5.05 -1.16 -3.25
C TRP A 6 5.16 -2.19 -2.13
N GLU A 7 4.42 -1.94 -1.05
CA GLU A 7 4.33 -2.81 0.13
C GLU A 7 2.95 -2.68 0.78
N LYS A 8 2.42 -3.77 1.36
CA LYS A 8 1.12 -3.75 2.03
C LYS A 8 1.20 -2.89 3.30
N ARG A 9 0.11 -2.19 3.61
CA ARG A 9 0.11 -1.19 4.68
C ARG A 9 -1.22 -1.21 5.43
N MET A 10 -1.21 -0.81 6.71
CA MET A 10 -2.38 -0.93 7.60
C MET A 10 -2.59 0.36 8.40
N PHE A 11 -3.85 0.78 8.51
CA PHE A 11 -4.27 1.97 9.23
C PHE A 11 -4.50 1.73 10.73
N ARG A 12 -3.50 2.14 11.53
CA ARG A 12 -3.60 2.22 12.99
C ARG A 12 -4.87 2.96 13.40
N SER A 13 -5.47 2.58 14.53
CA SER A 13 -6.74 3.07 15.10
C SER A 13 -8.05 2.64 14.38
N ASN A 14 -8.01 2.00 13.20
CA ASN A 14 -9.22 1.40 12.62
C ASN A 14 -9.02 -0.01 12.00
N GLY A 15 -7.79 -0.39 11.63
CA GLY A 15 -7.47 -1.74 11.17
C GLY A 15 -7.67 -1.96 9.66
N THR A 16 -7.99 -0.90 8.91
CA THR A 16 -8.07 -0.90 7.45
C THR A 16 -6.70 -1.24 6.85
N VAL A 17 -6.67 -1.69 5.60
CA VAL A 17 -5.46 -2.14 4.89
C VAL A 17 -5.47 -1.53 3.49
N TYR A 18 -4.29 -1.20 3.01
CA TYR A 18 -3.99 -0.52 1.76
C TYR A 18 -2.57 -0.91 1.29
N TYR A 19 -2.02 -0.20 0.32
CA TYR A 19 -0.65 -0.38 -0.15
C TYR A 19 0.06 0.96 -0.22
N PHE A 20 1.38 0.91 -0.05
CA PHE A 20 2.25 2.07 0.05
C PHE A 20 3.52 1.84 -0.75
N ASN A 21 3.86 2.78 -1.64
CA ASN A 21 5.09 2.74 -2.42
C ASN A 21 6.20 3.45 -1.68
N HIS A 22 7.04 2.74 -0.93
CA HIS A 22 8.11 3.36 -0.13
C HIS A 22 9.32 3.86 -0.94
N ILE A 23 9.30 3.76 -2.27
CA ILE A 23 10.30 4.38 -3.15
C ILE A 23 9.86 5.79 -3.59
N THR A 24 8.55 6.03 -3.69
CA THR A 24 7.96 7.31 -4.13
C THR A 24 7.21 8.06 -3.03
N ASN A 25 6.74 7.33 -2.00
CA ASN A 25 5.83 7.70 -0.90
C ASN A 25 4.34 7.62 -1.27
N ALA A 26 3.98 7.08 -2.45
CA ALA A 26 2.57 6.97 -2.85
C ALA A 26 1.78 5.98 -1.98
N SER A 27 0.44 6.05 -2.02
CA SER A 27 -0.48 5.10 -1.38
C SER A 27 -1.69 4.86 -2.28
N GLN A 28 -2.12 3.60 -2.37
CA GLN A 28 -3.35 3.18 -3.05
C GLN A 28 -4.07 2.19 -2.14
N PHE A 29 -5.41 2.16 -2.18
CA PHE A 29 -6.19 1.15 -1.46
C PHE A 29 -6.40 -0.08 -2.34
N GLU A 30 -6.24 0.08 -3.65
CA GLU A 30 -6.17 -0.96 -4.67
C GLU A 30 -4.85 -1.71 -4.46
N ARG A 31 -4.90 -3.04 -4.30
CA ARG A 31 -3.69 -3.85 -4.11
C ARG A 31 -3.01 -4.08 -5.48
N PRO A 32 -1.71 -3.73 -5.67
CA PRO A 32 -1.02 -3.90 -6.96
C PRO A 32 -1.15 -5.31 -7.58
N SER A 33 -1.21 -6.33 -6.73
CA SER A 33 -1.39 -7.74 -7.12
C SER A 33 -1.91 -8.61 -5.97
N GLY A 34 -2.69 -8.03 -5.04
CA GLY A 34 -3.10 -8.64 -3.77
C GLY A 34 -2.21 -8.24 -2.58
C1 NAG B . -9.09 4.12 8.39
C2 NAG B . -10.14 4.47 7.28
C3 NAG B . -9.41 5.10 6.07
C4 NAG B . -8.61 6.31 6.53
C5 NAG B . -7.58 5.89 7.57
C6 NAG B . -6.69 7.03 8.10
C7 NAG B . -12.03 3.31 6.21
C8 NAG B . -12.72 1.95 5.98
N2 NAG B . -10.88 3.28 6.89
O3 NAG B . -10.36 5.58 5.09
O4 NAG B . -7.93 6.82 5.37
O5 NAG B . -8.30 5.30 8.73
O6 NAG B . -6.24 6.60 9.39
O7 NAG B . -12.48 4.36 5.77
H1 NAG B . -8.42 3.34 8.03
H2 NAG B . -10.85 5.20 7.69
H3 NAG B . -8.75 4.36 5.60
H4 NAG B . -9.26 7.08 6.93
H5 NAG B . -6.95 5.12 7.14
H61 NAG B . -5.84 7.21 7.44
H62 NAG B . -7.27 7.94 8.21
H81 NAG B . -12.09 1.33 5.35
H82 NAG B . -13.68 2.11 5.49
H83 NAG B . -12.89 1.46 6.94
HN2 NAG B . -10.50 2.37 7.14
HO3 NAG B . -11.24 5.17 5.25
HO4 NAG B . -8.61 6.82 4.68
HO6 NAG B . -6.99 6.06 9.69
N LYS A 1 0.24 -6.00 -10.71
CA LYS A 1 -0.47 -4.76 -11.08
C LYS A 1 0.50 -3.57 -11.02
N LEU A 2 0.48 -2.74 -9.98
CA LEU A 2 1.40 -1.60 -9.84
C LEU A 2 2.86 -2.04 -9.50
N PRO A 3 3.86 -1.15 -9.63
CA PRO A 3 5.29 -1.42 -9.58
C PRO A 3 5.94 -1.89 -8.25
N PRO A 4 7.16 -2.47 -8.35
CA PRO A 4 8.03 -2.74 -7.21
C PRO A 4 8.20 -1.43 -6.43
N GLY A 5 8.19 -1.51 -5.10
CA GLY A 5 8.11 -0.34 -4.24
C GLY A 5 6.76 -0.29 -3.53
N TRP A 6 5.63 -0.69 -4.17
CA TRP A 6 4.40 -0.86 -3.41
C TRP A 6 4.43 -2.06 -2.46
N GLU A 7 3.88 -1.85 -1.26
CA GLU A 7 3.92 -2.81 -0.15
C GLU A 7 2.66 -2.66 0.75
N LYS A 8 2.12 -3.76 1.28
CA LYS A 8 0.87 -3.73 2.06
C LYS A 8 1.03 -2.95 3.38
N ARG A 9 0.03 -2.15 3.72
CA ARG A 9 0.07 -1.17 4.81
C ARG A 9 -1.25 -1.16 5.59
N MET A 10 -1.21 -0.75 6.86
CA MET A 10 -2.35 -0.83 7.79
C MET A 10 -2.53 0.47 8.59
N PHE A 11 -3.76 0.98 8.60
CA PHE A 11 -4.19 2.17 9.33
C PHE A 11 -4.37 1.91 10.84
N ARG A 12 -3.34 2.25 11.62
CA ARG A 12 -3.43 2.26 13.08
C ARG A 12 -4.55 3.24 13.49
N SER A 13 -5.30 2.88 14.52
CA SER A 13 -6.51 3.53 15.09
C SER A 13 -7.85 3.07 14.46
N ASN A 14 -7.86 2.38 13.31
CA ASN A 14 -9.08 1.73 12.81
C ASN A 14 -8.90 0.31 12.23
N GLY A 15 -7.68 -0.12 11.92
CA GLY A 15 -7.37 -1.47 11.45
C GLY A 15 -7.63 -1.70 9.95
N THR A 16 -7.98 -0.65 9.20
CA THR A 16 -8.09 -0.72 7.73
C THR A 16 -6.74 -1.03 7.11
N VAL A 17 -6.74 -1.51 5.87
CA VAL A 17 -5.57 -1.98 5.12
C VAL A 17 -5.59 -1.34 3.74
N TYR A 18 -4.38 -1.11 3.23
CA TYR A 18 -4.09 -0.46 1.96
C TYR A 18 -2.69 -0.88 1.49
N TYR A 19 -2.13 -0.17 0.51
CA TYR A 19 -0.78 -0.37 0.01
C TYR A 19 -0.08 0.98 -0.08
N PHE A 20 1.24 0.95 0.07
CA PHE A 20 2.09 2.11 0.18
C PHE A 20 3.35 1.89 -0.65
N ASN A 21 3.67 2.84 -1.51
CA ASN A 21 4.89 2.79 -2.29
C ASN A 21 6.02 3.42 -1.49
N HIS A 22 6.84 2.62 -0.80
CA HIS A 22 7.95 3.18 -0.01
C HIS A 22 9.13 3.68 -0.84
N ILE A 23 9.09 3.50 -2.17
CA ILE A 23 10.06 4.06 -3.11
C ILE A 23 9.63 5.45 -3.61
N THR A 24 8.33 5.74 -3.76
CA THR A 24 7.82 7.06 -4.21
C THR A 24 7.11 7.89 -3.12
N ASN A 25 6.64 7.23 -2.06
CA ASN A 25 5.80 7.68 -0.93
C ASN A 25 4.28 7.64 -1.21
N ALA A 26 3.83 7.12 -2.36
CA ALA A 26 2.40 7.05 -2.68
C ALA A 26 1.60 6.07 -1.79
N SER A 27 0.27 6.18 -1.79
CA SER A 27 -0.67 5.24 -1.16
C SER A 27 -1.87 4.97 -2.07
N GLN A 28 -2.33 3.71 -2.08
CA GLN A 28 -3.49 3.23 -2.84
C GLN A 28 -4.11 2.09 -2.03
N PHE A 29 -5.43 1.89 -2.09
CA PHE A 29 -6.10 0.82 -1.34
C PHE A 29 -6.15 -0.47 -2.18
N GLU A 30 -6.18 -0.37 -3.51
CA GLU A 30 -5.99 -1.54 -4.38
C GLU A 30 -4.55 -2.04 -4.30
N ARG A 31 -4.38 -3.36 -4.39
CA ARG A 31 -3.14 -4.10 -4.17
C ARG A 31 -2.30 -4.32 -5.44
N PRO A 32 -1.12 -3.67 -5.62
CA PRO A 32 -0.17 -4.00 -6.70
C PRO A 32 0.18 -5.48 -6.87
N SER A 33 0.12 -6.25 -5.78
CA SER A 33 0.29 -7.70 -5.74
C SER A 33 -0.67 -8.50 -6.64
N GLY A 34 -1.85 -7.95 -7.01
CA GLY A 34 -2.85 -8.64 -7.83
C GLY A 34 -4.23 -8.70 -7.17
C1 NAG B . -9.09 4.24 8.44
C2 NAG B . -10.20 4.52 7.39
C3 NAG B . -9.57 5.10 6.11
C4 NAG B . -8.75 6.34 6.45
C5 NAG B . -7.66 6.01 7.46
C6 NAG B . -6.80 7.20 7.87
C7 NAG B . -12.15 3.28 6.50
C8 NAG B . -12.83 1.92 6.39
N2 NAG B . -10.96 3.30 7.10
O3 NAG B . -10.58 5.52 5.15
O4 NAG B . -8.16 6.78 5.21
O5 NAG B . -8.31 5.46 8.68
O6 NAG B . -6.05 6.80 9.02
O7 NAG B . -12.64 4.31 6.03
H1 NAG B . -8.44 3.45 8.09
H2 NAG B . -10.90 5.27 7.79
H3 NAG B . -8.93 4.35 5.63
H4 NAG B . -9.40 7.13 6.83
H5 NAG B . -7.03 5.23 7.03
H61 NAG B . -6.12 7.49 7.07
H62 NAG B . -7.43 8.05 8.13
H81 NAG B . -12.94 1.48 7.38
H82 NAG B . -12.24 1.26 5.76
H83 NAG B . -13.83 2.03 5.94
HN2 NAG B . -10.56 2.41 7.40
HO3 NAG B . -11.44 5.10 5.39
HO4 NAG B . -8.88 6.74 4.57
HO6 NAG B . -6.65 6.26 9.56
N LYS A 1 -0.45 -5.79 -10.70
CA LYS A 1 -0.71 -4.50 -11.37
C LYS A 1 0.47 -3.53 -11.25
N LEU A 2 0.57 -2.77 -10.14
CA LEU A 2 1.51 -1.66 -9.96
C LEU A 2 2.96 -2.12 -9.59
N PRO A 3 3.96 -1.21 -9.69
CA PRO A 3 5.40 -1.49 -9.60
C PRO A 3 6.02 -1.95 -8.25
N PRO A 4 7.24 -2.51 -8.32
CA PRO A 4 8.09 -2.77 -7.16
C PRO A 4 8.22 -1.45 -6.38
N GLY A 5 8.19 -1.53 -5.06
CA GLY A 5 8.07 -0.35 -4.19
C GLY A 5 6.71 -0.32 -3.51
N TRP A 6 5.60 -0.74 -4.17
CA TRP A 6 4.36 -0.93 -3.43
C TRP A 6 4.39 -2.14 -2.50
N GLU A 7 3.79 -1.97 -1.32
CA GLU A 7 3.78 -2.95 -0.23
C GLU A 7 2.49 -2.82 0.60
N LYS A 8 1.97 -3.92 1.17
CA LYS A 8 0.75 -3.87 1.98
C LYS A 8 0.96 -3.05 3.27
N ARG A 9 -0.08 -2.34 3.69
CA ARG A 9 -0.01 -1.37 4.78
C ARG A 9 -1.32 -1.34 5.57
N MET A 10 -1.25 -0.96 6.86
CA MET A 10 -2.41 -0.95 7.76
C MET A 10 -2.52 0.38 8.50
N PHE A 11 -3.73 0.95 8.53
CA PHE A 11 -4.05 2.22 9.15
C PHE A 11 -4.15 2.13 10.68
N ARG A 12 -3.13 2.68 11.34
CA ARG A 12 -3.12 2.90 12.79
C ARG A 12 -4.37 3.69 13.20
N SER A 13 -4.89 3.42 14.40
CA SER A 13 -6.13 3.96 14.98
C SER A 13 -7.46 3.45 14.41
N ASN A 14 -7.49 2.66 13.31
CA ASN A 14 -8.75 1.99 12.90
C ASN A 14 -8.60 0.55 12.37
N GLY A 15 -7.41 0.13 11.92
CA GLY A 15 -7.14 -1.26 11.50
C GLY A 15 -7.47 -1.56 10.04
N THR A 16 -7.88 -0.55 9.27
CA THR A 16 -8.07 -0.64 7.81
C THR A 16 -6.75 -1.02 7.14
N VAL A 17 -6.81 -1.54 5.90
CA VAL A 17 -5.67 -2.05 5.14
C VAL A 17 -5.68 -1.42 3.75
N TYR A 18 -4.49 -1.21 3.21
CA TYR A 18 -4.20 -0.56 1.94
C TYR A 18 -2.82 -0.98 1.44
N TYR A 19 -2.30 -0.30 0.42
CA TYR A 19 -0.95 -0.50 -0.09
C TYR A 19 -0.25 0.86 -0.18
N PHE A 20 1.07 0.82 -0.01
CA PHE A 20 1.93 1.98 0.17
C PHE A 20 3.21 1.77 -0.62
N ASN A 21 3.53 2.73 -1.49
CA ASN A 21 4.76 2.72 -2.24
C ASN A 21 5.89 3.34 -1.42
N HIS A 22 6.67 2.53 -0.69
CA HIS A 22 7.76 3.08 0.14
C HIS A 22 8.97 3.60 -0.64
N ILE A 23 8.94 3.53 -1.97
CA ILE A 23 9.97 4.09 -2.85
C ILE A 23 9.62 5.55 -3.24
N THR A 24 8.34 5.93 -3.22
CA THR A 24 7.83 7.27 -3.58
C THR A 24 7.07 7.97 -2.46
N ASN A 25 6.52 7.21 -1.51
CA ASN A 25 5.58 7.52 -0.41
C ASN A 25 4.09 7.51 -0.82
N ALA A 26 3.74 7.08 -2.04
CA ALA A 26 2.33 7.00 -2.48
C ALA A 26 1.50 5.96 -1.69
N SER A 27 0.16 6.06 -1.78
CA SER A 27 -0.79 5.11 -1.19
C SER A 27 -1.98 4.84 -2.11
N GLN A 28 -2.46 3.60 -2.13
CA GLN A 28 -3.67 3.16 -2.85
C GLN A 28 -4.28 1.99 -2.08
N PHE A 29 -5.61 1.83 -2.06
CA PHE A 29 -6.23 0.73 -1.30
C PHE A 29 -6.26 -0.58 -2.11
N GLU A 30 -6.32 -0.54 -3.45
CA GLU A 30 -6.14 -1.73 -4.28
C GLU A 30 -4.67 -2.14 -4.33
N ARG A 31 -4.42 -3.45 -4.45
CA ARG A 31 -3.11 -4.08 -4.31
C ARG A 31 -2.32 -4.19 -5.62
N PRO A 32 -1.06 -3.72 -5.69
CA PRO A 32 -0.17 -4.00 -6.83
C PRO A 32 0.19 -5.48 -6.97
N SER A 33 0.23 -6.20 -5.85
CA SER A 33 0.35 -7.66 -5.78
C SER A 33 -0.94 -8.33 -6.30
N GLY A 34 -1.04 -8.42 -7.62
CA GLY A 34 -2.20 -8.90 -8.40
C GLY A 34 -3.11 -7.75 -8.80
C1 NAG B . -8.90 4.45 8.54
C2 NAG B . -10.00 4.78 7.50
C3 NAG B . -9.36 5.34 6.21
C4 NAG B . -8.48 6.54 6.54
C5 NAG B . -7.40 6.14 7.54
C6 NAG B . -6.44 7.27 7.94
C7 NAG B . -11.99 3.63 6.62
C8 NAG B . -12.74 2.28 6.50
N2 NAG B . -10.80 3.60 7.21
O3 NAG B . -10.36 5.81 5.28
O4 NAG B . -7.88 6.95 5.31
O5 NAG B . -8.05 5.63 8.76
O6 NAG B . -5.64 6.79 9.03
O7 NAG B . -12.46 4.67 6.16
H1 NAG B . -8.28 3.63 8.17
H2 NAG B . -10.66 5.55 7.92
H3 NAG B . -8.76 4.57 5.73
H4 NAG B . -9.08 7.36 6.95
H5 NAG B . -6.82 5.33 7.10
H61 NAG B . -5.80 7.55 7.10
H62 NAG B . -7.01 8.14 8.25
H81 NAG B . -12.83 1.83 7.49
H82 NAG B . -12.17 1.61 5.85
H83 NAG B . -13.72 2.43 6.08
HN2 NAG B . -10.42 2.69 7.47
HO3 NAG B . -11.24 5.42 5.52
HO4 NAG B . -8.61 6.94 4.67
HO6 NAG B . -6.24 6.35 9.63
N LYS A 1 -2.97 -4.75 -8.95
CA LYS A 1 -1.73 -4.70 -9.77
C LYS A 1 -1.22 -3.26 -10.01
N LEU A 2 -0.06 -2.95 -9.42
CA LEU A 2 0.78 -1.76 -9.60
C LEU A 2 2.27 -2.21 -9.38
N PRO A 3 3.28 -1.38 -9.75
CA PRO A 3 4.71 -1.69 -9.79
C PRO A 3 5.48 -2.08 -8.49
N PRO A 4 6.71 -2.63 -8.67
CA PRO A 4 7.66 -2.83 -7.60
C PRO A 4 7.88 -1.48 -6.88
N GLY A 5 7.99 -1.52 -5.55
CA GLY A 5 7.96 -0.30 -4.72
C GLY A 5 6.66 -0.26 -3.91
N TRP A 6 5.51 -0.69 -4.45
CA TRP A 6 4.34 -0.85 -3.58
C TRP A 6 4.42 -2.05 -2.64
N GLU A 7 3.93 -1.88 -1.40
CA GLU A 7 3.84 -2.91 -0.37
C GLU A 7 2.65 -2.62 0.58
N LYS A 8 2.08 -3.67 1.20
CA LYS A 8 0.84 -3.65 2.01
C LYS A 8 0.99 -2.79 3.27
N ARG A 9 -0.02 -1.98 3.59
CA ARG A 9 0.01 -1.01 4.68
C ARG A 9 -1.30 -1.07 5.49
N MET A 10 -1.25 -0.71 6.78
CA MET A 10 -2.38 -0.88 7.70
C MET A 10 -2.60 0.37 8.56
N PHE A 11 -3.85 0.84 8.61
CA PHE A 11 -4.24 2.05 9.32
C PHE A 11 -4.40 1.86 10.83
N ARG A 12 -3.34 2.16 11.58
CA ARG A 12 -3.42 2.24 13.05
C ARG A 12 -4.49 3.28 13.42
N SER A 13 -5.27 3.00 14.47
CA SER A 13 -6.49 3.69 14.95
C SER A 13 -7.82 3.15 14.36
N ASN A 14 -7.81 2.33 13.30
CA ASN A 14 -9.04 1.63 12.87
C ASN A 14 -8.84 0.20 12.34
N GLY A 15 -7.64 -0.17 11.89
CA GLY A 15 -7.27 -1.52 11.45
C GLY A 15 -7.55 -1.81 9.97
N THR A 16 -7.96 -0.80 9.21
CA THR A 16 -8.10 -0.86 7.74
C THR A 16 -6.74 -1.20 7.10
N VAL A 17 -6.76 -1.65 5.85
CA VAL A 17 -5.59 -2.05 5.07
C VAL A 17 -5.65 -1.34 3.73
N TYR A 18 -4.47 -1.05 3.19
CA TYR A 18 -4.21 -0.39 1.92
C TYR A 18 -2.81 -0.79 1.45
N TYR A 19 -2.23 -0.06 0.51
CA TYR A 19 -0.88 -0.29 0.00
C TYR A 19 -0.17 1.05 -0.14
N PHE A 20 1.16 0.98 -0.04
CA PHE A 20 2.04 2.13 0.06
C PHE A 20 3.29 1.88 -0.77
N ASN A 21 3.61 2.83 -1.64
CA ASN A 21 4.84 2.79 -2.42
C ASN A 21 6.01 3.28 -1.56
N HIS A 22 6.79 2.37 -0.98
CA HIS A 22 7.93 2.74 -0.13
C HIS A 22 9.09 3.37 -0.90
N ILE A 23 9.06 3.32 -2.24
CA ILE A 23 10.04 3.96 -3.11
C ILE A 23 9.66 5.43 -3.43
N THR A 24 8.37 5.76 -3.56
CA THR A 24 7.91 7.13 -3.89
C THR A 24 7.19 7.87 -2.76
N ASN A 25 6.65 7.12 -1.79
CA ASN A 25 5.78 7.51 -0.65
C ASN A 25 4.27 7.57 -1.01
N ALA A 26 3.86 7.15 -2.21
CA ALA A 26 2.45 7.12 -2.60
C ALA A 26 1.61 6.10 -1.79
N SER A 27 0.28 6.23 -1.83
CA SER A 27 -0.69 5.30 -1.23
C SER A 27 -1.86 5.01 -2.17
N GLN A 28 -2.35 3.77 -2.14
CA GLN A 28 -3.56 3.31 -2.85
C GLN A 28 -4.25 2.27 -1.95
N PHE A 29 -5.55 2.09 -2.09
CA PHE A 29 -6.25 0.98 -1.44
C PHE A 29 -6.27 -0.26 -2.36
N GLU A 30 -6.06 -0.07 -3.68
CA GLU A 30 -5.83 -1.17 -4.61
C GLU A 30 -4.50 -1.86 -4.24
N ARG A 31 -4.45 -3.18 -4.40
CA ARG A 31 -3.32 -4.07 -4.09
C ARG A 31 -2.34 -4.28 -5.26
N PRO A 32 -1.14 -3.69 -5.29
CA PRO A 32 -0.11 -4.04 -6.28
C PRO A 32 0.27 -5.52 -6.40
N SER A 33 0.26 -6.26 -5.31
CA SER A 33 0.57 -7.71 -5.27
C SER A 33 -0.29 -8.53 -6.23
N GLY A 34 -1.62 -8.33 -6.22
CA GLY A 34 -2.59 -9.08 -7.03
C GLY A 34 -3.41 -8.18 -7.94
C1 NAG B . -9.22 4.14 8.53
C2 NAG B . -10.33 4.42 7.48
C3 NAG B . -9.70 5.02 6.21
C4 NAG B . -8.89 6.26 6.54
C5 NAG B . -7.80 5.94 7.55
C6 NAG B . -6.97 7.16 7.99
C7 NAG B . -12.25 3.17 6.57
C8 NAG B . -12.90 1.79 6.41
N2 NAG B . -11.07 3.19 7.18
O3 NAG B . -10.71 5.42 5.25
O4 NAG B . -8.30 6.69 5.31
O5 NAG B . -8.43 5.35 8.77
O6 NAG B . -7.75 7.89 8.94
O7 NAG B . -12.77 4.19 6.12
H1 NAG B . -8.55 3.37 8.17
H2 NAG B . -11.04 5.16 7.89
H3 NAG B . -9.05 4.27 5.74
H4 NAG B . -9.55 7.04 6.93
H5 NAG B . -7.14 5.20 7.12
H61 NAG B . -6.06 6.83 8.47
H62 NAG B . -6.71 7.79 7.14
H81 NAG B . -13.87 1.88 5.94
H82 NAG B . -13.02 1.32 7.39
H83 NAG B . -12.27 1.16 5.79
HN2 NAG B . -10.64 2.31 7.43
HO3 NAG B . -11.57 4.99 5.49
HO4 NAG B . -9.03 6.64 4.67
HO6 NAG B . -8.15 7.25 9.53
N LYS A 1 -3.88 -2.34 -10.93
CA LYS A 1 -2.64 -2.98 -10.46
C LYS A 1 -1.46 -2.04 -10.69
N LEU A 2 -0.51 -1.98 -9.75
CA LEU A 2 0.66 -1.09 -9.79
C LEU A 2 2.01 -1.86 -9.57
N PRO A 3 3.18 -1.22 -9.86
CA PRO A 3 4.55 -1.76 -9.87
C PRO A 3 5.27 -2.22 -8.57
N PRO A 4 6.45 -2.87 -8.74
CA PRO A 4 7.39 -3.15 -7.66
C PRO A 4 7.73 -1.81 -6.99
N GLY A 5 7.84 -1.78 -5.66
CA GLY A 5 7.93 -0.54 -4.89
C GLY A 5 6.65 -0.35 -4.07
N TRP A 6 5.47 -0.76 -4.59
CA TRP A 6 4.27 -0.82 -3.77
C TRP A 6 4.25 -2.03 -2.84
N GLU A 7 3.78 -1.81 -1.61
CA GLU A 7 3.76 -2.78 -0.52
C GLU A 7 2.51 -2.60 0.36
N LYS A 8 1.92 -3.71 0.86
CA LYS A 8 0.71 -3.67 1.69
C LYS A 8 0.94 -2.93 3.00
N ARG A 9 -0.09 -2.20 3.46
CA ARG A 9 0.00 -1.26 4.57
C ARG A 9 -1.31 -1.24 5.35
N MET A 10 -1.27 -0.90 6.64
CA MET A 10 -2.43 -0.97 7.53
C MET A 10 -2.59 0.30 8.37
N PHE A 11 -3.81 0.85 8.36
CA PHE A 11 -4.23 1.98 9.16
C PHE A 11 -4.46 1.58 10.62
N ARG A 12 -3.43 1.81 11.44
CA ARG A 12 -3.53 1.61 12.89
C ARG A 12 -4.65 2.50 13.46
N SER A 13 -5.20 2.10 14.61
CA SER A 13 -6.40 2.67 15.24
C SER A 13 -7.73 2.49 14.47
N ASN A 14 -7.76 1.93 13.25
CA ASN A 14 -9.04 1.56 12.62
C ASN A 14 -9.02 0.18 11.92
N GLY A 15 -7.86 -0.36 11.59
CA GLY A 15 -7.66 -1.72 11.07
C GLY A 15 -7.87 -1.85 9.56
N THR A 16 -8.13 -0.74 8.85
CA THR A 16 -8.19 -0.74 7.38
C THR A 16 -6.81 -1.05 6.80
N VAL A 17 -6.79 -1.52 5.55
CA VAL A 17 -5.61 -1.99 4.84
C VAL A 17 -5.62 -1.40 3.43
N TYR A 18 -4.43 -1.08 2.95
CA TYR A 18 -4.15 -0.35 1.71
C TYR A 18 -2.75 -0.73 1.22
N TYR A 19 -2.20 0.01 0.28
CA TYR A 19 -0.85 -0.16 -0.23
C TYR A 19 -0.11 1.16 -0.26
N PHE A 20 1.20 1.07 -0.14
CA PHE A 20 2.12 2.18 0.01
C PHE A 20 3.35 1.92 -0.84
N ASN A 21 3.70 2.89 -1.70
CA ASN A 21 4.89 2.83 -2.51
C ASN A 21 6.08 3.39 -1.72
N HIS A 22 6.86 2.54 -1.05
CA HIS A 22 8.01 3.05 -0.27
C HIS A 22 9.21 3.50 -1.11
N ILE A 23 9.11 3.40 -2.45
CA ILE A 23 10.10 3.94 -3.38
C ILE A 23 9.83 5.43 -3.69
N THR A 24 8.57 5.87 -3.60
CA THR A 24 8.10 7.25 -3.90
C THR A 24 7.44 7.98 -2.73
N ASN A 25 6.89 7.21 -1.78
CA ASN A 25 6.01 7.55 -0.63
C ASN A 25 4.50 7.61 -0.96
N ALA A 26 4.07 7.21 -2.17
CA ALA A 26 2.65 7.20 -2.55
C ALA A 26 1.80 6.18 -1.77
N SER A 27 0.46 6.29 -1.86
CA SER A 27 -0.53 5.35 -1.28
C SER A 27 -1.70 5.14 -2.23
N GLN A 28 -2.23 3.91 -2.29
CA GLN A 28 -3.47 3.55 -2.99
C GLN A 28 -4.18 2.48 -2.15
N PHE A 29 -5.50 2.35 -2.29
CA PHE A 29 -6.27 1.31 -1.61
C PHE A 29 -6.38 0.03 -2.47
N GLU A 30 -6.17 0.08 -3.79
CA GLU A 30 -6.04 -1.15 -4.58
C GLU A 30 -4.68 -1.82 -4.26
N ARG A 31 -4.62 -3.15 -4.40
CA ARG A 31 -3.40 -3.94 -4.15
C ARG A 31 -2.46 -4.18 -5.35
N PRO A 32 -1.33 -3.46 -5.57
CA PRO A 32 -0.29 -3.79 -6.55
C PRO A 32 0.16 -5.27 -6.61
N SER A 33 0.14 -5.97 -5.47
CA SER A 33 0.59 -7.37 -5.34
C SER A 33 -0.39 -8.29 -4.58
N GLY A 34 -1.67 -7.89 -4.45
CA GLY A 34 -2.69 -8.63 -3.68
C GLY A 34 -2.69 -8.33 -2.18
C1 NAG B . -8.97 4.26 8.31
C2 NAG B . -10.08 4.60 7.30
C3 NAG B . -9.47 5.22 6.03
C4 NAG B . -8.62 6.44 6.40
C5 NAG B . -7.51 6.03 7.37
C6 NAG B . -6.61 7.18 7.81
C7 NAG B . -12.07 3.46 6.38
C8 NAG B . -12.78 2.11 6.18
N2 NAG B . -10.88 3.42 6.98
O3 NAG B . -10.48 5.70 5.11
O4 NAG B . -8.06 6.93 5.18
O5 NAG B . -8.13 5.43 8.57
O6 NAG B . -5.86 6.72 8.94
O7 NAG B . -12.55 4.51 5.99
H1 NAG B . -8.34 3.46 7.92
H2 NAG B . -10.76 5.34 7.74
H3 NAG B . -8.85 4.48 5.52
H4 NAG B . -9.25 7.21 6.85
H5 NAG B . -6.91 5.26 6.88
H61 NAG B . -5.94 7.48 7.01
H62 NAG B . -7.22 8.03 8.11
H81 NAG B . -13.77 2.27 5.75
H82 NAG B . -12.90 1.60 7.14
H83 NAG B . -12.20 1.48 5.51
HN2 NAG B . -10.49 2.50 7.20
HO3 NAG B . -11.35 5.29 5.35
HO4 NAG B . -8.79 6.93 4.55
HO6 NAG B . -6.46 6.15 9.44
N LYS A 1 5.47 -7.14 -10.05
CA LYS A 1 4.66 -6.94 -11.28
C LYS A 1 4.18 -5.50 -11.36
N LEU A 2 3.48 -5.04 -10.32
CA LEU A 2 3.08 -3.66 -10.06
C LEU A 2 4.30 -2.75 -9.81
N PRO A 3 4.13 -1.42 -9.90
CA PRO A 3 5.26 -0.51 -9.89
C PRO A 3 6.21 -0.66 -8.67
N PRO A 4 7.47 -0.18 -8.84
CA PRO A 4 8.52 -0.44 -7.88
C PRO A 4 8.21 0.27 -6.58
N GLY A 5 8.14 -0.51 -5.51
CA GLY A 5 7.78 -0.06 -4.17
C GLY A 5 6.43 -0.52 -3.63
N TRP A 6 5.46 -1.05 -4.41
CA TRP A 6 4.15 -1.34 -3.75
C TRP A 6 4.17 -2.48 -2.73
N GLU A 7 3.60 -2.22 -1.55
CA GLU A 7 3.40 -3.21 -0.48
C GLU A 7 2.18 -2.87 0.41
N LYS A 8 1.51 -3.90 0.94
CA LYS A 8 0.30 -3.86 1.78
C LYS A 8 0.54 -3.12 3.09
N ARG A 9 -0.32 -2.14 3.40
CA ARG A 9 -0.15 -1.20 4.51
C ARG A 9 -1.44 -1.12 5.32
N MET A 10 -1.36 -0.71 6.60
CA MET A 10 -2.49 -0.74 7.54
C MET A 10 -2.59 0.56 8.33
N PHE A 11 -3.81 1.00 8.58
CA PHE A 11 -4.12 2.20 9.34
C PHE A 11 -4.28 1.94 10.84
N ARG A 12 -3.22 2.23 11.60
CA ARG A 12 -3.24 2.27 13.07
C ARG A 12 -4.43 3.08 13.58
N SER A 13 -4.99 2.70 14.74
CA SER A 13 -6.19 3.26 15.40
C SER A 13 -7.55 2.95 14.76
N ASN A 14 -7.63 2.37 13.54
CA ASN A 14 -8.91 1.86 13.02
C ASN A 14 -8.84 0.46 12.37
N GLY A 15 -7.66 0.02 11.93
CA GLY A 15 -7.44 -1.34 11.41
C GLY A 15 -7.74 -1.52 9.92
N THR A 16 -8.05 -0.41 9.22
CA THR A 16 -8.21 -0.39 7.76
C THR A 16 -6.90 -0.81 7.08
N VAL A 17 -6.97 -1.25 5.84
CA VAL A 17 -5.85 -1.75 5.04
C VAL A 17 -5.90 -1.09 3.66
N TYR A 18 -4.71 -0.90 3.10
CA TYR A 18 -4.45 -0.23 1.84
C TYR A 18 -3.09 -0.72 1.32
N TYR A 19 -2.52 -0.03 0.34
CA TYR A 19 -1.18 -0.28 -0.17
C TYR A 19 -0.39 1.02 -0.25
N PHE A 20 0.92 0.85 -0.17
CA PHE A 20 1.88 1.93 -0.05
C PHE A 20 3.07 1.64 -0.93
N ASN A 21 3.46 2.61 -1.73
CA ASN A 21 4.68 2.54 -2.52
C ASN A 21 5.86 3.00 -1.66
N HIS A 22 6.58 2.07 -1.02
CA HIS A 22 7.69 2.39 -0.11
C HIS A 22 8.94 2.98 -0.78
N ILE A 23 8.94 3.14 -2.11
CA ILE A 23 10.05 3.73 -2.88
C ILE A 23 9.77 5.20 -3.23
N THR A 24 8.50 5.59 -3.34
CA THR A 24 8.05 6.97 -3.64
C THR A 24 7.33 7.65 -2.48
N ASN A 25 6.75 6.87 -1.56
CA ASN A 25 5.83 7.21 -0.46
C ASN A 25 4.35 7.33 -0.89
N ALA A 26 3.99 6.96 -2.13
CA ALA A 26 2.59 6.98 -2.58
C ALA A 26 1.72 5.97 -1.82
N SER A 27 0.39 6.11 -1.93
CA SER A 27 -0.60 5.18 -1.36
C SER A 27 -1.75 4.97 -2.35
N GLN A 28 -2.41 3.82 -2.23
CA GLN A 28 -3.66 3.48 -2.91
C GLN A 28 -4.44 2.51 -2.02
N PHE A 29 -5.76 2.51 -2.09
CA PHE A 29 -6.58 1.47 -1.44
C PHE A 29 -6.73 0.27 -2.39
N GLU A 30 -6.51 0.46 -3.70
CA GLU A 30 -6.40 -0.66 -4.65
C GLU A 30 -5.07 -1.39 -4.41
N ARG A 31 -5.15 -2.71 -4.24
CA ARG A 31 -4.08 -3.59 -3.79
C ARG A 31 -3.18 -4.22 -4.88
N PRO A 32 -1.94 -3.74 -5.17
CA PRO A 32 -1.03 -4.48 -6.03
C PRO A 32 -0.78 -5.95 -5.61
N SER A 33 -1.12 -6.85 -6.51
CA SER A 33 -0.83 -8.30 -6.45
C SER A 33 0.64 -8.63 -6.78
N GLY A 34 1.57 -7.93 -6.12
CA GLY A 34 3.03 -8.08 -6.22
C GLY A 34 3.62 -7.86 -7.61
C1 NAG B . -8.80 4.68 8.87
C2 NAG B . -9.84 5.13 7.80
C3 NAG B . -9.09 5.71 6.57
C4 NAG B . -8.19 6.86 7.02
C5 NAG B . -7.20 6.38 8.07
C6 NAG B . -6.26 7.48 8.60
C7 NAG B . -11.85 4.14 6.76
C8 NAG B . -12.66 2.86 6.54
N2 NAG B . -10.69 4.00 7.41
O3 NAG B . -10.01 6.25 5.59
O4 NAG B . -7.48 7.29 5.86
O5 NAG B . -7.96 5.83 9.22
O6 NAG B . -5.82 7.01 9.88
O7 NAG B . -12.22 5.24 6.35
H1 NAG B . -8.18 3.89 8.47
H2 NAG B . -10.48 5.91 8.21
H3 NAG B . -8.49 4.92 6.10
H4 NAG B . -8.80 7.68 7.40
H5 NAG B . -6.61 5.58 7.65
H61 NAG B . -5.42 7.63 7.94
H62 NAG B . -6.80 8.41 8.72
H81 NAG B . -12.85 2.37 7.49
H82 NAG B . -12.11 2.18 5.89
H83 NAG B . -13.62 3.09 6.07
HN2 NAG B . -10.39 3.06 7.64
HO3 NAG B . -10.93 5.92 5.78
HO4 NAG B . -8.15 7.33 5.16
HO6 NAG B . -6.59 6.52 10.21
N LYS A 1 -1.09 -6.28 -10.76
CA LYS A 1 -1.42 -4.83 -10.63
C LYS A 1 -0.15 -3.99 -10.53
N LEU A 2 -0.10 -2.91 -9.73
CA LEU A 2 0.99 -1.93 -9.72
C LEU A 2 2.38 -2.51 -9.31
N PRO A 3 3.48 -1.77 -9.56
CA PRO A 3 4.89 -2.18 -9.45
C PRO A 3 5.52 -2.52 -8.08
N PRO A 4 6.71 -3.16 -8.12
CA PRO A 4 7.58 -3.34 -6.96
C PRO A 4 7.83 -1.97 -6.33
N GLY A 5 7.85 -1.90 -5.00
CA GLY A 5 7.83 -0.64 -4.25
C GLY A 5 6.48 -0.49 -3.55
N TRP A 6 5.35 -0.79 -4.22
CA TRP A 6 4.06 -0.89 -3.52
C TRP A 6 4.00 -2.13 -2.62
N GLU A 7 3.65 -1.91 -1.35
CA GLU A 7 3.55 -2.96 -0.33
C GLU A 7 2.44 -2.65 0.68
N LYS A 8 1.84 -3.70 1.25
CA LYS A 8 0.70 -3.67 2.19
C LYS A 8 0.96 -2.77 3.40
N ARG A 9 -0.01 -1.94 3.77
CA ARG A 9 0.07 -0.98 4.88
C ARG A 9 -1.24 -1.04 5.69
N MET A 10 -1.17 -0.70 6.99
CA MET A 10 -2.31 -0.85 7.91
C MET A 10 -2.51 0.39 8.79
N PHE A 11 -3.74 0.89 8.84
CA PHE A 11 -4.11 2.17 9.43
C PHE A 11 -4.28 2.18 10.96
N ARG A 12 -3.44 3.01 11.60
CA ARG A 12 -3.56 3.31 13.02
C ARG A 12 -4.95 3.86 13.35
N SER A 13 -5.37 3.60 14.58
CA SER A 13 -6.68 3.97 15.14
C SER A 13 -7.89 3.24 14.55
N ASN A 14 -7.77 2.38 13.51
CA ASN A 14 -8.94 1.54 13.13
C ASN A 14 -8.62 0.14 12.58
N GLY A 15 -7.40 -0.12 12.07
CA GLY A 15 -7.01 -1.44 11.57
C GLY A 15 -7.34 -1.71 10.10
N THR A 16 -7.82 -0.69 9.36
CA THR A 16 -8.00 -0.71 7.90
C THR A 16 -6.67 -1.07 7.22
N VAL A 17 -6.71 -1.55 5.98
CA VAL A 17 -5.54 -2.00 5.22
C VAL A 17 -5.57 -1.37 3.83
N TYR A 18 -4.38 -1.12 3.28
CA TYR A 18 -4.16 -0.48 1.99
C TYR A 18 -2.77 -0.89 1.47
N TYR A 19 -2.28 -0.25 0.41
CA TYR A 19 -0.93 -0.42 -0.10
C TYR A 19 -0.25 0.94 -0.19
N PHE A 20 1.06 0.91 0.00
CA PHE A 20 1.92 2.06 0.13
C PHE A 20 3.20 1.78 -0.64
N ASN A 21 3.52 2.67 -1.57
CA ASN A 21 4.77 2.61 -2.30
C ASN A 21 5.92 3.08 -1.41
N HIS A 22 6.69 2.17 -0.81
CA HIS A 22 7.81 2.55 0.05
C HIS A 22 8.98 3.19 -0.71
N ILE A 23 8.96 3.14 -2.04
CA ILE A 23 9.96 3.71 -2.94
C ILE A 23 9.58 5.14 -3.40
N THR A 24 8.28 5.47 -3.54
CA THR A 24 7.80 6.80 -3.96
C THR A 24 6.96 7.57 -2.92
N ASN A 25 6.58 6.88 -1.85
CA ASN A 25 5.67 7.29 -0.77
C ASN A 25 4.19 7.46 -1.19
N ALA A 26 3.80 7.02 -2.40
CA ALA A 26 2.38 6.94 -2.78
C ALA A 26 1.57 5.96 -1.90
N SER A 27 0.24 6.09 -1.90
CA SER A 27 -0.69 5.18 -1.21
C SER A 27 -1.98 4.98 -2.00
N GLN A 28 -2.53 3.78 -1.91
CA GLN A 28 -3.68 3.31 -2.70
C GLN A 28 -4.35 2.14 -1.95
N PHE A 29 -5.69 2.08 -1.92
CA PHE A 29 -6.40 0.98 -1.22
C PHE A 29 -6.51 -0.28 -2.09
N GLU A 30 -6.37 -0.15 -3.41
CA GLU A 30 -6.23 -1.29 -4.32
C GLU A 30 -4.79 -1.83 -4.25
N ARG A 31 -4.63 -3.16 -4.30
CA ARG A 31 -3.41 -3.92 -4.04
C ARG A 31 -2.48 -4.19 -5.25
N PRO A 32 -1.28 -3.58 -5.33
CA PRO A 32 -0.23 -3.93 -6.30
C PRO A 32 0.25 -5.38 -6.25
N SER A 33 1.19 -5.72 -7.14
CA SER A 33 1.69 -7.07 -7.45
C SER A 33 0.62 -7.89 -8.20
N GLY A 34 -0.36 -8.47 -7.49
CA GLY A 34 -1.47 -9.26 -8.04
C GLY A 34 -2.71 -8.43 -8.29
C1 NAG B . -8.78 4.32 9.19
C2 NAG B . -9.59 4.95 8.02
C3 NAG B . -8.62 5.73 7.10
C4 NAG B . -7.80 6.73 7.91
C5 NAG B . -7.00 6.00 8.98
C6 NAG B . -6.03 6.82 9.84
C7 NAG B . -11.29 4.12 6.43
C8 NAG B . -12.02 2.88 5.87
N2 NAG B . -10.31 3.89 7.30
O3 NAG B . -9.35 6.49 6.10
O4 NAG B . -6.91 7.36 6.98
O5 NAG B . -7.96 5.32 9.86
O6 NAG B . -5.07 5.93 10.44
O7 NAG B . -11.56 5.26 6.06
H1 NAG B . -8.15 3.53 8.76
H2 NAG B . -10.32 5.65 8.43
H3 NAG B . -7.95 5.02 6.58
H4 NAG B . -8.45 7.49 8.37
H5 NAG B . -6.43 5.24 8.47
H61 NAG B . -5.50 7.54 9.22
H62 NAG B . -6.57 7.36 10.61
H81 NAG B . -11.45 2.48 5.03
H82 NAG B . -13.00 3.17 5.53
H83 NAG B . -12.11 2.13 6.65
HN2 NAG B . -10.09 2.93 7.55
HO3 NAG B . -10.24 6.09 5.97
HO4 NAG B . -7.45 7.49 6.18
HO6 NAG B . -5.46 5.43 11.19
N LYS A 1 0.67 -6.01 -10.79
CA LYS A 1 -0.09 -4.88 -11.36
C LYS A 1 0.76 -3.61 -11.32
N LEU A 2 0.66 -2.77 -10.27
CA LEU A 2 1.48 -1.58 -10.12
C LEU A 2 2.95 -1.93 -9.74
N PRO A 3 3.89 -0.99 -9.85
CA PRO A 3 5.34 -1.18 -9.75
C PRO A 3 5.94 -1.73 -8.44
N PRO A 4 7.17 -2.28 -8.54
CA PRO A 4 7.99 -2.63 -7.38
C PRO A 4 8.16 -1.34 -6.57
N GLY A 5 8.10 -1.47 -5.24
CA GLY A 5 8.00 -0.33 -4.34
C GLY A 5 6.62 -0.31 -3.68
N TRP A 6 5.51 -0.67 -4.35
CA TRP A 6 4.27 -0.85 -3.59
C TRP A 6 4.29 -2.08 -2.67
N GLU A 7 3.83 -1.90 -1.43
CA GLU A 7 3.75 -2.95 -0.41
C GLU A 7 2.60 -2.68 0.58
N LYS A 8 2.03 -3.74 1.18
CA LYS A 8 0.87 -3.71 2.07
C LYS A 8 1.06 -2.82 3.30
N ARG A 9 0.07 -2.01 3.65
CA ARG A 9 0.11 -1.03 4.74
C ARG A 9 -1.19 -1.08 5.54
N MET A 10 -1.16 -0.63 6.81
CA MET A 10 -2.30 -0.73 7.73
C MET A 10 -2.51 0.57 8.49
N PHE A 11 -3.78 0.97 8.66
CA PHE A 11 -4.17 2.21 9.32
C PHE A 11 -4.31 2.06 10.85
N ARG A 12 -3.29 2.56 11.57
CA ARG A 12 -3.35 2.71 13.03
C ARG A 12 -4.57 3.57 13.40
N SER A 13 -5.32 3.12 14.42
CA SER A 13 -6.55 3.70 14.99
C SER A 13 -7.86 3.19 14.36
N ASN A 14 -7.84 2.41 13.27
CA ASN A 14 -9.05 1.71 12.77
C ASN A 14 -8.79 0.29 12.23
N GLY A 15 -7.53 -0.08 11.96
CA GLY A 15 -7.14 -1.41 11.50
C GLY A 15 -7.48 -1.69 10.03
N THR A 16 -7.88 -0.67 9.26
CA THR A 16 -8.04 -0.80 7.81
C THR A 16 -6.68 -1.09 7.15
N VAL A 17 -6.69 -1.55 5.90
CA VAL A 17 -5.52 -1.99 5.13
C VAL A 17 -5.56 -1.31 3.77
N TYR A 18 -4.37 -1.07 3.22
CA TYR A 18 -4.11 -0.43 1.94
C TYR A 18 -2.73 -0.86 1.43
N TYR A 19 -2.20 -0.21 0.39
CA TYR A 19 -0.87 -0.41 -0.12
C TYR A 19 -0.18 0.95 -0.22
N PHE A 20 1.14 0.92 -0.05
CA PHE A 20 1.99 2.07 0.09
C PHE A 20 3.27 1.84 -0.70
N ASN A 21 3.60 2.78 -1.57
CA ASN A 21 4.84 2.73 -2.32
C ASN A 21 5.99 3.21 -1.43
N HIS A 22 6.75 2.29 -0.83
CA HIS A 22 7.87 2.66 0.05
C HIS A 22 9.06 3.28 -0.69
N ILE A 23 9.03 3.30 -2.03
CA ILE A 23 10.03 3.91 -2.91
C ILE A 23 9.64 5.36 -3.27
N THR A 24 8.35 5.68 -3.43
CA THR A 24 7.89 7.05 -3.79
C THR A 24 7.13 7.80 -2.69
N ASN A 25 6.56 7.06 -1.71
CA ASN A 25 5.67 7.46 -0.62
C ASN A 25 4.17 7.52 -0.99
N ALA A 26 3.78 7.09 -2.21
CA ALA A 26 2.37 7.04 -2.62
C ALA A 26 1.53 6.03 -1.81
N SER A 27 0.19 6.16 -1.84
CA SER A 27 -0.77 5.23 -1.22
C SER A 27 -1.97 4.95 -2.13
N GLN A 28 -2.42 3.69 -2.15
CA GLN A 28 -3.60 3.22 -2.89
C GLN A 28 -4.24 2.09 -2.07
N PHE A 29 -5.57 1.98 -2.00
CA PHE A 29 -6.19 0.92 -1.20
C PHE A 29 -6.24 -0.42 -1.94
N GLU A 30 -6.30 -0.44 -3.28
CA GLU A 30 -6.12 -1.67 -4.06
C GLU A 30 -4.64 -2.07 -4.12
N ARG A 31 -4.40 -3.37 -4.22
CA ARG A 31 -3.11 -4.06 -4.09
C ARG A 31 -2.35 -4.21 -5.42
N PRO A 32 -1.21 -3.52 -5.67
CA PRO A 32 -0.36 -3.82 -6.83
C PRO A 32 0.09 -5.26 -7.02
N SER A 33 0.21 -6.02 -5.92
CA SER A 33 0.73 -7.40 -5.91
C SER A 33 -0.10 -8.43 -6.69
N GLY A 34 -1.34 -8.11 -7.11
CA GLY A 34 -2.19 -8.99 -7.92
C GLY A 34 -3.66 -8.89 -7.56
C1 NAG B . -9.18 4.11 8.34
C2 NAG B . -10.25 4.49 7.29
C3 NAG B . -9.55 5.12 6.07
C4 NAG B . -8.79 6.36 6.50
C5 NAG B . -7.73 5.98 7.56
C6 NAG B . -6.94 7.18 8.09
C7 NAG B . -12.05 2.86 7.58
C8 NAG B . -12.80 1.66 6.97
N2 NAG B . -11.04 3.33 6.87
O3 NAG B . -10.51 5.54 5.07
O4 NAG B . -8.10 6.88 5.35
O5 NAG B . -8.42 5.33 8.69
O6 NAG B . -6.32 7.87 6.98
O7 NAG B . -12.38 3.35 8.66
H1 NAG B . -8.49 3.37 7.95
H2 NAG B . -10.93 5.22 7.72
H3 NAG B . -8.87 4.40 5.61
H4 NAG B . -9.47 7.11 6.90
H5 NAG B . -7.05 5.27 7.11
H61 NAG B . -7.61 7.87 8.62
H62 NAG B . -6.17 6.84 8.79
H81 NAG B . -12.22 1.23 6.14
H82 NAG B . -13.77 1.99 6.59
H83 NAG B . -12.95 0.89 7.73
HN2 NAG B . -10.79 2.91 5.98
HO3 NAG B . -10.06 6.19 4.52
HO4 NAG B . -7.34 7.38 5.71
HO6 NAG B . -5.76 8.57 7.33
N LYS A 1 6.02 -8.97 -9.39
CA LYS A 1 6.37 -7.81 -8.56
C LYS A 1 6.03 -6.51 -9.29
N LEU A 2 4.99 -5.82 -8.82
CA LEU A 2 4.65 -4.45 -9.23
C LEU A 2 5.76 -3.45 -8.89
N PRO A 3 5.74 -2.23 -9.46
CA PRO A 3 6.89 -1.34 -9.39
C PRO A 3 7.51 -1.05 -8.02
N PRO A 4 8.79 -0.59 -8.02
CA PRO A 4 9.62 -0.47 -6.83
C PRO A 4 8.90 0.27 -5.72
N GLY A 5 8.72 -0.44 -4.61
CA GLY A 5 7.97 0.03 -3.46
C GLY A 5 6.63 -0.65 -3.16
N TRP A 6 5.84 -1.20 -4.10
CA TRP A 6 4.48 -1.61 -3.71
C TRP A 6 4.37 -2.78 -2.73
N GLU A 7 3.75 -2.51 -1.58
CA GLU A 7 3.32 -3.48 -0.56
C GLU A 7 2.32 -2.84 0.42
N LYS A 8 1.60 -3.68 1.16
CA LYS A 8 0.61 -3.43 2.19
C LYS A 8 1.05 -2.44 3.28
N ARG A 9 0.07 -1.67 3.74
CA ARG A 9 0.15 -0.77 4.90
C ARG A 9 -1.17 -0.84 5.69
N MET A 10 -1.15 -0.43 6.96
CA MET A 10 -2.29 -0.52 7.87
C MET A 10 -2.50 0.82 8.60
N PHE A 11 -3.76 1.20 8.77
CA PHE A 11 -4.17 2.39 9.49
C PHE A 11 -4.35 2.16 11.00
N ARG A 12 -3.30 2.48 11.77
CA ARG A 12 -3.42 2.53 13.23
C ARG A 12 -4.52 3.53 13.59
N SER A 13 -5.25 3.28 14.67
CA SER A 13 -6.50 3.93 15.17
C SER A 13 -7.81 3.29 14.65
N ASN A 14 -7.81 2.46 13.59
CA ASN A 14 -9.01 1.68 13.23
C ASN A 14 -8.75 0.27 12.67
N GLY A 15 -7.55 -0.05 12.17
CA GLY A 15 -7.21 -1.37 11.65
C GLY A 15 -7.51 -1.57 10.15
N THR A 16 -7.91 -0.52 9.45
CA THR A 16 -8.05 -0.50 7.98
C THR A 16 -6.70 -0.85 7.33
N VAL A 17 -6.72 -1.31 6.07
CA VAL A 17 -5.55 -1.77 5.31
C VAL A 17 -5.62 -1.17 3.92
N TYR A 18 -4.44 -0.94 3.35
CA TYR A 18 -4.23 -0.31 2.04
C TYR A 18 -2.87 -0.74 1.49
N TYR A 19 -2.49 -0.20 0.33
CA TYR A 19 -1.24 -0.53 -0.33
C TYR A 19 -0.46 0.75 -0.56
N PHE A 20 0.84 0.63 -0.37
CA PHE A 20 1.76 1.74 -0.30
C PHE A 20 2.95 1.44 -1.17
N ASN A 21 3.39 2.43 -1.93
CA ASN A 21 4.64 2.35 -2.62
C ASN A 21 5.72 2.83 -1.64
N HIS A 22 6.32 1.91 -0.88
CA HIS A 22 7.27 2.21 0.19
C HIS A 22 8.59 2.85 -0.28
N ILE A 23 8.77 3.13 -1.58
CA ILE A 23 9.95 3.79 -2.14
C ILE A 23 9.64 5.25 -2.52
N THR A 24 8.53 5.49 -3.22
CA THR A 24 8.05 6.83 -3.59
C THR A 24 7.21 7.51 -2.51
N ASN A 25 6.51 6.72 -1.68
CA ASN A 25 5.51 7.06 -0.66
C ASN A 25 4.06 7.23 -1.18
N ALA A 26 3.77 6.83 -2.42
CA ALA A 26 2.38 6.77 -2.90
C ALA A 26 1.52 5.78 -2.08
N SER A 27 0.20 5.96 -2.07
CA SER A 27 -0.77 5.06 -1.40
C SER A 27 -2.06 4.97 -2.18
N GLN A 28 -2.59 3.75 -2.31
CA GLN A 28 -3.93 3.46 -2.84
C GLN A 28 -4.53 2.41 -1.90
N PHE A 29 -5.87 2.25 -1.87
CA PHE A 29 -6.44 1.11 -1.14
C PHE A 29 -6.44 -0.13 -2.06
N GLU A 30 -6.40 0.11 -3.37
CA GLU A 30 -6.19 -0.86 -4.42
C GLU A 30 -4.74 -1.36 -4.40
N ARG A 31 -4.59 -2.67 -4.29
CA ARG A 31 -3.34 -3.43 -4.26
C ARG A 31 -2.92 -3.83 -5.70
N PRO A 32 -1.70 -3.54 -6.21
CA PRO A 32 -1.30 -4.16 -7.47
C PRO A 32 -1.20 -5.70 -7.29
N SER A 33 -1.24 -6.49 -8.37
CA SER A 33 -1.18 -7.97 -8.28
C SER A 33 0.23 -8.54 -7.99
N GLY A 34 0.81 -8.14 -6.84
CA GLY A 34 2.10 -8.60 -6.31
C GLY A 34 3.32 -8.03 -7.02
C1 NAG B . -8.94 4.50 9.27
C2 NAG B . -9.75 5.04 8.08
C3 NAG B . -8.77 5.78 7.14
C4 NAG B . -8.08 6.91 7.91
C5 NAG B . -7.32 6.40 9.14
C6 NAG B . -6.73 7.50 10.01
C7 NAG B . -11.42 4.13 6.51
C8 NAG B . -12.14 2.86 6.01
N2 NAG B . -10.44 3.94 7.39
O3 NAG B . -9.46 6.41 6.03
O4 NAG B . -7.15 7.51 7.00
O5 NAG B . -8.25 5.60 9.96
O6 NAG B . -5.99 6.90 11.08
O7 NAG B . -11.72 5.25 6.11
H1 NAG B . -8.22 3.76 8.90
H2 NAG B . -10.50 5.75 8.43
H3 NAG B . -8.02 5.08 6.74
H4 NAG B . -8.82 7.65 8.21
H5 NAG B . -6.52 5.75 8.81
H61 NAG B . -6.07 8.13 9.42
H62 NAG B . -7.53 8.13 10.42
H81 NAG B . -12.24 2.14 6.82
H82 NAG B . -11.57 2.42 5.20
H83 NAG B . -13.14 3.12 5.66
HN2 NAG B . -10.20 2.99 7.67
HO3 NAG B . -10.37 6.02 5.96
HO4 NAG B . -7.62 7.55 6.15
HO6 NAG B . -6.61 6.60 11.77
N LYS A 1 0.08 -5.73 -12.69
CA LYS A 1 0.44 -5.30 -11.31
C LYS A 1 1.02 -3.89 -11.32
N LEU A 2 0.88 -3.14 -10.22
CA LEU A 2 1.61 -1.88 -10.07
C LEU A 2 3.09 -2.19 -9.69
N PRO A 3 3.99 -1.20 -9.79
CA PRO A 3 5.45 -1.35 -9.69
C PRO A 3 6.06 -1.89 -8.39
N PRO A 4 7.31 -2.38 -8.48
CA PRO A 4 8.14 -2.72 -7.33
C PRO A 4 8.29 -1.41 -6.55
N GLY A 5 8.24 -1.50 -5.22
CA GLY A 5 8.14 -0.34 -4.35
C GLY A 5 6.76 -0.30 -3.68
N TRP A 6 5.65 -0.71 -4.33
CA TRP A 6 4.42 -0.85 -3.55
C TRP A 6 4.47 -2.05 -2.58
N GLU A 7 3.97 -1.82 -1.36
CA GLU A 7 3.99 -2.77 -0.25
C GLU A 7 2.72 -2.60 0.62
N LYS A 8 2.14 -3.70 1.13
CA LYS A 8 0.88 -3.67 1.88
C LYS A 8 1.02 -2.92 3.20
N ARG A 9 0.03 -2.10 3.54
CA ARG A 9 0.06 -1.15 4.65
C ARG A 9 -1.28 -1.16 5.39
N MET A 10 -1.29 -0.78 6.67
CA MET A 10 -2.45 -0.90 7.56
C MET A 10 -2.67 0.39 8.36
N PHE A 11 -3.93 0.81 8.48
CA PHE A 11 -4.36 1.94 9.27
C PHE A 11 -4.54 1.58 10.75
N ARG A 12 -3.55 1.96 11.57
CA ARG A 12 -3.65 1.88 13.03
C ARG A 12 -4.91 2.63 13.52
N SER A 13 -5.43 2.20 14.66
CA SER A 13 -6.70 2.67 15.25
C SER A 13 -8.00 2.35 14.48
N ASN A 14 -7.97 1.75 13.27
CA ASN A 14 -9.20 1.25 12.64
C ASN A 14 -9.06 -0.12 11.94
N GLY A 15 -7.85 -0.56 11.61
CA GLY A 15 -7.57 -1.89 11.06
C GLY A 15 -7.83 -2.02 9.56
N THR A 16 -8.13 -0.92 8.87
CA THR A 16 -8.21 -0.89 7.40
C THR A 16 -6.83 -1.14 6.79
N VAL A 17 -6.80 -1.53 5.52
CA VAL A 17 -5.61 -1.97 4.78
C VAL A 17 -5.59 -1.29 3.41
N TYR A 18 -4.38 -1.02 2.94
CA TYR A 18 -4.05 -0.32 1.71
C TYR A 18 -2.64 -0.73 1.27
N TYR A 19 -2.05 0.00 0.32
CA TYR A 19 -0.69 -0.21 -0.15
C TYR A 19 0.04 1.14 -0.17
N PHE A 20 1.34 1.06 0.03
CA PHE A 20 2.24 2.20 0.13
C PHE A 20 3.46 1.96 -0.73
N ASN A 21 3.79 2.91 -1.60
CA ASN A 21 4.97 2.82 -2.44
C ASN A 21 6.15 3.44 -1.69
N HIS A 22 6.98 2.64 -1.02
CA HIS A 22 8.11 3.17 -0.27
C HIS A 22 9.30 3.63 -1.15
N ILE A 23 9.18 3.47 -2.48
CA ILE A 23 10.14 3.98 -3.46
C ILE A 23 9.73 5.38 -3.96
N THR A 24 8.42 5.67 -4.09
CA THR A 24 7.93 7.01 -4.52
C THR A 24 7.32 7.86 -3.40
N ASN A 25 6.88 7.23 -2.30
CA ASN A 25 6.14 7.71 -1.13
C ASN A 25 4.60 7.74 -1.32
N ALA A 26 4.08 7.22 -2.43
CA ALA A 26 2.62 7.18 -2.67
C ALA A 26 1.86 6.21 -1.74
N SER A 27 0.52 6.35 -1.69
CA SER A 27 -0.41 5.41 -1.04
C SER A 27 -1.67 5.26 -1.88
N GLN A 28 -2.17 4.02 -2.00
CA GLN A 28 -3.33 3.64 -2.79
C GLN A 28 -4.01 2.44 -2.12
N PHE A 29 -5.34 2.31 -2.19
CA PHE A 29 -6.03 1.21 -1.47
C PHE A 29 -6.13 -0.03 -2.35
N GLU A 30 -6.23 0.17 -3.66
CA GLU A 30 -6.13 -0.83 -4.71
C GLU A 30 -4.73 -1.47 -4.64
N ARG A 31 -4.69 -2.80 -4.53
CA ARG A 31 -3.49 -3.58 -4.22
C ARG A 31 -2.72 -4.02 -5.48
N PRO A 32 -1.48 -3.53 -5.74
CA PRO A 32 -0.68 -3.95 -6.89
C PRO A 32 -0.46 -5.45 -7.07
N SER A 33 -0.35 -6.21 -5.97
CA SER A 33 -0.03 -7.64 -6.00
C SER A 33 -0.52 -8.38 -4.75
N GLY A 34 -1.85 -8.41 -4.55
CA GLY A 34 -2.51 -9.17 -3.49
C GLY A 34 -3.02 -8.29 -2.35
C1 NAG B . -9.16 4.05 8.43
C2 NAG B . -10.27 4.38 7.39
C3 NAG B . -9.63 5.02 6.14
C4 NAG B . -8.84 6.26 6.54
C5 NAG B . -7.75 5.89 7.53
C6 NAG B . -6.90 7.08 7.99
C7 NAG B . -12.21 3.20 6.45
C8 NAG B . -12.90 1.84 6.26
N2 NAG B . -11.03 3.17 7.05
O3 NAG B . -10.64 5.45 5.19
O4 NAG B . -8.27 6.77 5.33
O5 NAG B . -8.37 5.26 8.72
O6 NAG B . -6.15 6.63 9.13
O7 NAG B . -12.71 4.24 6.05
H1 NAG B . -8.49 3.29 8.03
H2 NAG B . -10.96 5.10 7.83
H3 NAG B . -8.97 4.29 5.65
H4 NAG B . -9.51 7.00 6.97
H5 NAG B . -7.10 5.15 7.06
H61 NAG B . -6.23 7.42 7.21
H62 NAG B . -7.56 7.90 8.30
H81 NAG B . -13.90 1.98 5.82
H82 NAG B . -13.00 1.33 7.21
H83 NAG B . -12.31 1.22 5.58
HN2 NAG B . -10.62 2.28 7.30
HO3 NAG B . -11.51 5.04 5.43
HO4 NAG B . -8.99 6.72 4.68
HO6 NAG B . -6.73 6.06 9.64
N LYS A 1 -1.47 -5.75 -10.99
CA LYS A 1 -1.62 -4.28 -11.19
C LYS A 1 -0.30 -3.52 -10.98
N LEU A 2 -0.18 -2.68 -9.95
CA LEU A 2 0.94 -1.74 -9.76
C LEU A 2 2.33 -2.37 -9.49
N PRO A 3 3.42 -1.61 -9.61
CA PRO A 3 4.83 -2.04 -9.57
C PRO A 3 5.51 -2.44 -8.24
N PRO A 4 6.71 -3.07 -8.35
CA PRO A 4 7.62 -3.29 -7.23
C PRO A 4 7.88 -1.93 -6.57
N GLY A 5 7.95 -1.90 -5.24
CA GLY A 5 7.95 -0.66 -4.47
C GLY A 5 6.64 -0.52 -3.70
N TRP A 6 5.49 -0.94 -4.24
CA TRP A 6 4.29 -1.01 -3.40
C TRP A 6 4.33 -2.19 -2.42
N GLU A 7 3.83 -1.96 -1.20
CA GLU A 7 3.80 -2.95 -0.11
C GLU A 7 2.60 -2.69 0.82
N LYS A 8 2.10 -3.71 1.52
CA LYS A 8 0.91 -3.66 2.39
C LYS A 8 1.10 -2.63 3.52
N ARG A 9 0.02 -1.95 3.91
CA ARG A 9 0.03 -0.93 4.96
C ARG A 9 -1.27 -0.95 5.75
N MET A 10 -1.25 -0.48 7.01
CA MET A 10 -2.38 -0.57 7.93
C MET A 10 -2.61 0.75 8.67
N PHE A 11 -3.87 1.09 8.90
CA PHE A 11 -4.29 2.34 9.54
C PHE A 11 -4.55 2.19 11.05
N ARG A 12 -3.54 2.59 11.84
CA ARG A 12 -3.72 2.72 13.29
C ARG A 12 -4.89 3.68 13.59
N SER A 13 -5.62 3.42 14.68
CA SER A 13 -6.90 4.03 15.13
C SER A 13 -8.16 3.33 14.62
N ASN A 14 -8.10 2.52 13.54
CA ASN A 14 -9.28 1.71 13.13
C ASN A 14 -8.95 0.30 12.60
N GLY A 15 -7.70 0.03 12.16
CA GLY A 15 -7.27 -1.30 11.69
C GLY A 15 -7.56 -1.58 10.22
N THR A 16 -7.99 -0.57 9.46
CA THR A 16 -8.11 -0.63 7.98
C THR A 16 -6.76 -0.97 7.35
N VAL A 17 -6.76 -1.45 6.12
CA VAL A 17 -5.58 -1.90 5.37
C VAL A 17 -5.59 -1.22 4.00
N TYR A 18 -4.38 -0.99 3.48
CA TYR A 18 -4.10 -0.36 2.19
C TYR A 18 -2.73 -0.82 1.68
N TYR A 19 -2.20 -0.17 0.65
CA TYR A 19 -0.87 -0.39 0.12
C TYR A 19 -0.16 0.96 -0.05
N PHE A 20 1.16 0.92 0.10
CA PHE A 20 2.04 2.07 0.16
C PHE A 20 3.28 1.79 -0.67
N ASN A 21 3.60 2.72 -1.57
CA ASN A 21 4.83 2.65 -2.35
C ASN A 21 6.00 3.18 -1.52
N HIS A 22 6.81 2.29 -0.92
CA HIS A 22 7.96 2.72 -0.11
C HIS A 22 9.13 3.28 -0.94
N ILE A 23 9.03 3.22 -2.28
CA ILE A 23 10.01 3.77 -3.21
C ILE A 23 9.62 5.20 -3.66
N THR A 24 8.33 5.52 -3.78
CA THR A 24 7.85 6.86 -4.19
C THR A 24 7.13 7.67 -3.10
N ASN A 25 6.60 6.99 -2.08
CA ASN A 25 5.76 7.43 -0.95
C ASN A 25 4.24 7.48 -1.27
N ALA A 26 3.81 6.99 -2.43
CA ALA A 26 2.38 6.93 -2.77
C ALA A 26 1.57 5.95 -1.88
N SER A 27 0.23 6.07 -1.88
CA SER A 27 -0.69 5.16 -1.17
C SER A 27 -2.00 4.96 -1.93
N GLN A 28 -2.49 3.72 -1.98
CA GLN A 28 -3.83 3.36 -2.47
C GLN A 28 -4.33 2.10 -1.76
N PHE A 29 -5.64 1.83 -1.75
CA PHE A 29 -6.18 0.76 -0.90
C PHE A 29 -6.19 -0.64 -1.55
N GLU A 30 -6.26 -0.75 -2.87
CA GLU A 30 -6.12 -2.04 -3.58
C GLU A 30 -4.63 -2.41 -3.77
N ARG A 31 -4.36 -3.70 -3.97
CA ARG A 31 -3.01 -4.27 -3.96
C ARG A 31 -2.32 -4.28 -5.34
N PRO A 32 -1.03 -3.92 -5.41
CA PRO A 32 -0.17 -4.10 -6.58
C PRO A 32 0.20 -5.56 -6.88
N SER A 33 1.07 -5.75 -7.89
CA SER A 33 1.46 -7.03 -8.49
C SER A 33 0.28 -7.75 -9.14
N GLY A 34 -0.71 -8.21 -8.37
CA GLY A 34 -1.97 -8.79 -8.81
C GLY A 34 -3.15 -7.86 -8.58
C1 NAG B . -9.12 4.39 9.01
C2 NAG B . -10.01 4.83 7.83
C3 NAG B . -9.12 5.48 6.75
C4 NAG B . -8.34 6.65 7.36
C5 NAG B . -7.48 6.17 8.52
C6 NAG B . -6.65 7.25 9.21
C7 NAG B . -11.77 3.75 6.46
C8 NAG B . -12.49 2.43 6.12
N2 NAG B . -10.73 3.66 7.28
O3 NAG B . -9.91 6.03 5.67
O4 NAG B . -7.49 7.17 6.32
O5 NAG B . -8.36 5.54 9.52
O6 NAG B . -6.05 6.66 10.37
O7 NAG B . -12.12 4.83 6.00
H1 NAG B . -8.43 3.63 8.68
H2 NAG B . -10.75 5.56 8.17
H3 NAG B . -8.42 4.74 6.33
H4 NAG B . -9.02 7.43 7.69
H5 NAG B . -6.80 5.40 8.15
H61 NAG B . -5.89 7.65 8.55
H62 NAG B . -7.30 8.07 9.53
H81 NAG B . -13.44 2.64 5.64
H82 NAG B . -12.66 1.86 7.03
H83 NAG B . -11.86 1.86 5.44
HN2 NAG B . -10.43 2.74 7.59
HO3 NAG B . -10.82 5.63 5.69
HO4 NAG B . -8.05 7.17 5.52
HO6 NAG B . -6.78 6.23 10.87
N LYS A 1 -2.82 -4.55 -8.77
CA LYS A 1 -1.97 -4.59 -9.99
C LYS A 1 -1.11 -3.33 -10.21
N LEU A 2 -0.03 -3.14 -9.44
CA LEU A 2 0.89 -1.99 -9.55
C LEU A 2 2.37 -2.41 -9.31
N PRO A 3 3.37 -1.56 -9.66
CA PRO A 3 4.80 -1.85 -9.67
C PRO A 3 5.54 -2.26 -8.37
N PRO A 4 6.76 -2.82 -8.53
CA PRO A 4 7.68 -3.05 -7.43
C PRO A 4 7.94 -1.68 -6.77
N GLY A 5 8.02 -1.68 -5.45
CA GLY A 5 8.02 -0.45 -4.65
C GLY A 5 6.71 -0.35 -3.86
N TRP A 6 5.55 -0.79 -4.39
CA TRP A 6 4.37 -0.90 -3.53
C TRP A 6 4.46 -2.06 -2.53
N GLU A 7 3.96 -1.85 -1.32
CA GLU A 7 3.91 -2.85 -0.22
C GLU A 7 2.68 -2.60 0.66
N LYS A 8 2.15 -3.64 1.33
CA LYS A 8 0.97 -3.57 2.21
C LYS A 8 1.15 -2.56 3.34
N ARG A 9 0.08 -1.89 3.74
CA ARG A 9 0.09 -0.89 4.81
C ARG A 9 -1.23 -0.93 5.59
N MET A 10 -1.23 -0.54 6.87
CA MET A 10 -2.38 -0.70 7.76
C MET A 10 -2.64 0.57 8.59
N PHE A 11 -3.91 0.95 8.70
CA PHE A 11 -4.38 2.10 9.46
C PHE A 11 -4.65 1.76 10.94
N ARG A 12 -3.65 2.02 11.79
CA ARG A 12 -3.82 1.96 13.25
C ARG A 12 -4.92 2.96 13.64
N SER A 13 -5.72 2.60 14.65
CA SER A 13 -6.96 3.24 15.16
C SER A 13 -8.26 2.74 14.51
N ASN A 14 -8.22 2.06 13.35
CA ASN A 14 -9.43 1.38 12.82
C ASN A 14 -9.17 -0.01 12.21
N GLY A 15 -7.93 -0.34 11.84
CA GLY A 15 -7.50 -1.65 11.34
C GLY A 15 -7.69 -1.86 9.84
N THR A 16 -8.07 -0.81 9.10
CA THR A 16 -8.14 -0.79 7.63
C THR A 16 -6.76 -1.08 7.04
N VAL A 17 -6.71 -1.49 5.78
CA VAL A 17 -5.51 -1.90 5.05
C VAL A 17 -5.50 -1.19 3.70
N TYR A 18 -4.30 -0.91 3.21
CA TYR A 18 -4.01 -0.26 1.95
C TYR A 18 -2.61 -0.69 1.48
N TYR A 19 -2.05 -0.03 0.47
CA TYR A 19 -0.68 -0.26 0.03
C TYR A 19 0.02 1.10 -0.11
N PHE A 20 1.34 1.06 0.06
CA PHE A 20 2.23 2.21 0.13
C PHE A 20 3.45 1.94 -0.73
N ASN A 21 3.77 2.87 -1.61
CA ASN A 21 4.96 2.78 -2.44
C ASN A 21 6.17 3.32 -1.67
N HIS A 22 6.98 2.42 -1.10
CA HIS A 22 8.18 2.83 -0.34
C HIS A 22 9.32 3.39 -1.22
N ILE A 23 9.16 3.37 -2.54
CA ILE A 23 10.09 3.94 -3.52
C ILE A 23 9.65 5.34 -3.98
N THR A 24 8.34 5.64 -4.06
CA THR A 24 7.80 6.95 -4.49
C THR A 24 7.07 7.75 -3.41
N ASN A 25 6.74 7.11 -2.29
CA ASN A 25 5.97 7.61 -1.13
C ASN A 25 4.44 7.62 -1.35
N ALA A 26 3.98 7.18 -2.52
CA ALA A 26 2.54 7.09 -2.83
C ALA A 26 1.76 6.12 -1.90
N SER A 27 0.42 6.26 -1.87
CA SER A 27 -0.51 5.34 -1.19
C SER A 27 -1.76 5.11 -2.03
N GLN A 28 -2.23 3.86 -2.10
CA GLN A 28 -3.46 3.45 -2.79
C GLN A 28 -4.09 2.31 -2.00
N PHE A 29 -5.43 2.23 -1.94
CA PHE A 29 -6.12 1.19 -1.14
C PHE A 29 -6.18 -0.15 -1.89
N GLU A 30 -6.03 -0.15 -3.22
CA GLU A 30 -5.85 -1.37 -4.00
C GLU A 30 -4.53 -2.04 -3.60
N ARG A 31 -4.44 -3.36 -3.80
CA ARG A 31 -3.22 -4.15 -3.67
C ARG A 31 -2.41 -4.25 -4.97
N PRO A 32 -1.21 -3.66 -5.10
CA PRO A 32 -0.35 -3.93 -6.23
C PRO A 32 -0.02 -5.40 -6.49
N SER A 33 0.20 -6.17 -5.42
CA SER A 33 0.43 -7.61 -5.45
C SER A 33 -0.85 -8.39 -5.79
N GLY A 34 -1.26 -8.33 -7.07
CA GLY A 34 -2.40 -9.01 -7.67
C GLY A 34 -3.62 -8.12 -7.85
C1 NAG B . -9.27 4.17 8.66
C2 NAG B . -10.31 4.52 7.56
C3 NAG B . -9.57 5.16 6.35
C4 NAG B . -8.77 6.37 6.82
C5 NAG B . -7.76 5.95 7.87
C6 NAG B . -6.90 7.09 8.41
C7 NAG B . -12.19 3.36 6.45
C8 NAG B . -12.86 2.00 6.20
N2 NAG B . -11.05 3.32 7.14
O3 NAG B . -10.52 5.65 5.35
O4 NAG B . -8.09 6.86 5.66
O5 NAG B . -8.49 5.36 9.01
O6 NAG B . -6.17 6.59 9.53
O7 NAG B . -12.65 4.42 6.04
H1 NAG B . -8.59 3.40 8.30
H2 NAG B . -11.01 5.24 7.95
H3 NAG B . -8.90 4.42 5.89
H4 NAG B . -9.43 7.14 7.21
H5 NAG B . -7.12 5.19 7.45
H61 NAG B . -6.19 7.45 7.64
H62 NAG B . -7.52 7.93 8.72
H81 NAG B . -12.21 1.38 5.59
H82 NAG B . -13.81 2.16 5.68
H83 NAG B . -13.05 1.50 7.15
HN2 NAG B . -10.65 2.41 7.37
HO3 NAG B . -11.40 5.22 5.52
HO4 NAG B . -8.76 6.84 4.96
HO6 NAG B . -6.79 6.10 10.08
#